data_8IXM
#
_entry.id   8IXM
#
_cell.length_a   66.587
_cell.length_b   46.769
_cell.length_c   95.775
_cell.angle_alpha   90.00
_cell.angle_beta   98.11
_cell.angle_gamma   90.00
#
_symmetry.space_group_name_H-M   'P 1 21 1'
#
loop_
_entity.id
_entity.type
_entity.pdbx_description
1 polymer '2-dehydropantoate 2-reductase'
2 non-polymer 'NADP NICOTINAMIDE-ADENINE-DINUCLEOTIDE PHOSPHATE'
3 non-polymer '2-[N-CYCLOHEXYLAMINO]ETHANE SULFONIC ACID'
4 non-polymer GLYCEROL
5 non-polymer '2-OXO-4-METHYLPENTANOIC ACID'
6 water water
#
_entity_poly.entity_id   1
_entity_poly.type   'polypeptide(L)'
_entity_poly.pdbx_seq_one_letter_code
;MDSKQQRIGVIGTGAIGGFYGLMLAHAGHDVHFLLRSEFEAVNRAGLSLNSAVHGFRRLAPVQAYHSAQDMPPCDWLLVG
AKTTGNHELAPLIRAAAAPGAKVLLLQNGLGVEERLRPLLPESLHLLGGLCFICVHRGEPGVIEHQAYGGVNLGYHSGPA
DERRRREIVEEGAALFRESGLESTAMPDLEQARWQKLVWNIPYNGLSVLLKSSTAPLMANADSRSLIEAIMEEVIGAAGA
CGFILPEGYADQLLAATERMPDYRPSMYHDFAHGRPLELAAIYAAPLARAAAAGYRMPRVEALHQALRFLEAQPR
;
_entity_poly.pdbx_strand_id   A,B
#
loop_
_chem_comp.id
_chem_comp.type
_chem_comp.name
_chem_comp.formula
COI non-polymer '2-OXO-4-METHYLPENTANOIC ACID' 'C6 H10 O3'
GOL non-polymer GLYCEROL 'C3 H8 O3'
NAP non-polymer 'NADP NICOTINAMIDE-ADENINE-DINUCLEOTIDE PHOSPHATE' 'C21 H28 N7 O17 P3'
NHE non-polymer '2-[N-CYCLOHEXYLAMINO]ETHANE SULFONIC ACID' 'C8 H17 N O3 S'
#
# COMPACT_ATOMS: atom_id res chain seq x y z
N GLN A 6 5.23 29.30 -11.57
CA GLN A 6 4.08 28.59 -11.01
C GLN A 6 4.22 28.40 -9.51
N ARG A 7 4.09 29.48 -8.75
CA ARG A 7 4.17 29.40 -7.29
C ARG A 7 2.93 28.69 -6.76
N ILE A 8 3.13 27.63 -5.98
CA ILE A 8 2.03 26.84 -5.43
C ILE A 8 1.91 27.16 -3.94
N GLY A 9 0.67 27.37 -3.49
CA GLY A 9 0.38 27.51 -2.08
C GLY A 9 -0.57 26.42 -1.63
N VAL A 10 -0.43 26.01 -0.38
CA VAL A 10 -1.31 25.02 0.23
C VAL A 10 -2.00 25.68 1.41
N ILE A 11 -3.33 25.80 1.33
CA ILE A 11 -4.15 26.37 2.40
C ILE A 11 -4.81 25.20 3.13
N GLY A 12 -4.34 24.93 4.34
CA GLY A 12 -4.80 23.76 5.07
C GLY A 12 -3.89 22.59 4.79
N THR A 13 -2.76 22.53 5.52
CA THR A 13 -1.75 21.50 5.29
C THR A 13 -2.02 20.35 6.27
N GLY A 14 -3.04 19.57 5.95
CA GLY A 14 -3.35 18.36 6.68
C GLY A 14 -2.85 17.14 5.94
N ALA A 15 -3.65 16.06 5.99
CA ALA A 15 -3.31 14.86 5.22
C ALA A 15 -3.35 15.15 3.73
N ILE A 16 -4.45 15.74 3.25
CA ILE A 16 -4.63 16.01 1.83
C ILE A 16 -3.66 17.10 1.37
N GLY A 17 -3.70 18.26 2.04
CA GLY A 17 -2.83 19.36 1.64
C GLY A 17 -1.35 19.00 1.75
N GLY A 18 -0.99 18.31 2.83
CA GLY A 18 0.38 17.87 2.98
C GLY A 18 0.81 16.89 1.91
N PHE A 19 -0.06 15.93 1.58
CA PHE A 19 0.29 14.92 0.57
C PHE A 19 0.54 15.56 -0.79
N TYR A 20 -0.48 16.25 -1.33
CA TYR A 20 -0.37 16.79 -2.67
C TYR A 20 0.65 17.92 -2.75
N GLY A 21 0.72 18.76 -1.71
CA GLY A 21 1.76 19.77 -1.66
C GLY A 21 3.14 19.16 -1.69
N LEU A 22 3.36 18.10 -0.89
CA LEU A 22 4.67 17.47 -0.86
C LEU A 22 5.01 16.82 -2.20
N MET A 23 4.03 16.16 -2.83
CA MET A 23 4.28 15.53 -4.12
C MET A 23 4.65 16.56 -5.17
N LEU A 24 3.96 17.69 -5.20
CA LEU A 24 4.32 18.77 -6.11
C LEU A 24 5.69 19.32 -5.77
N ALA A 25 5.96 19.56 -4.49
CA ALA A 25 7.25 20.11 -4.08
C ALA A 25 8.38 19.13 -4.40
N HIS A 26 8.16 17.84 -4.14
CA HIS A 26 9.16 16.83 -4.46
C HIS A 26 9.45 16.78 -5.95
N ALA A 27 8.52 17.21 -6.79
CA ALA A 27 8.71 17.26 -8.24
C ALA A 27 9.33 18.58 -8.70
N GLY A 28 9.87 19.39 -7.78
CA GLY A 28 10.59 20.60 -8.14
C GLY A 28 9.79 21.89 -8.06
N HIS A 29 8.48 21.80 -7.81
CA HIS A 29 7.67 23.01 -7.74
C HIS A 29 8.01 23.82 -6.48
N ASP A 30 7.65 25.09 -6.51
CA ASP A 30 7.85 26.00 -5.39
C ASP A 30 6.55 26.05 -4.60
N VAL A 31 6.51 25.30 -3.50
CA VAL A 31 5.30 25.13 -2.71
C VAL A 31 5.45 25.82 -1.37
N HIS A 32 4.40 26.55 -0.96
CA HIS A 32 4.36 27.28 0.29
C HIS A 32 3.20 26.77 1.12
N PHE A 33 3.50 26.22 2.30
CA PHE A 33 2.53 25.54 3.13
C PHE A 33 2.08 26.47 4.27
N LEU A 34 0.78 26.71 4.36
CA LEU A 34 0.18 27.42 5.48
C LEU A 34 -0.34 26.40 6.48
N LEU A 35 0.12 26.51 7.73
CA LEU A 35 -0.23 25.53 8.75
C LEU A 35 -0.97 26.21 9.91
N ARG A 36 -1.68 25.39 10.68
CA ARG A 36 -2.43 25.87 11.83
C ARG A 36 -1.92 25.30 13.13
N SER A 37 -2.50 24.18 13.57
CA SER A 37 -2.12 23.59 14.85
C SER A 37 -0.67 23.11 14.83
N GLU A 38 -0.25 22.45 13.76
CA GLU A 38 1.03 21.79 13.70
C GLU A 38 2.10 22.61 12.99
N PHE A 39 1.98 23.93 12.99
CA PHE A 39 2.99 24.75 12.33
C PHE A 39 4.35 24.60 13.00
N GLU A 40 4.40 24.82 14.31
CA GLU A 40 5.68 24.77 15.01
C GLU A 40 6.32 23.39 14.89
N ALA A 41 5.51 22.34 14.91
CA ALA A 41 6.04 20.99 14.70
C ALA A 41 6.58 20.84 13.28
N VAL A 42 5.81 21.30 12.28
CA VAL A 42 6.25 21.17 10.89
C VAL A 42 7.44 22.07 10.61
N ASN A 43 7.47 23.26 11.24
CA ASN A 43 8.57 24.19 11.00
C ASN A 43 9.91 23.65 11.43
N ARG A 44 9.93 22.70 12.38
CA ARG A 44 11.16 22.11 12.87
C ARG A 44 11.46 20.76 12.21
N ALA A 45 10.54 19.80 12.35
CA ALA A 45 10.79 18.46 11.84
C ALA A 45 10.68 18.39 10.33
N GLY A 46 9.82 19.19 9.73
CA GLY A 46 9.57 19.10 8.30
C GLY A 46 8.34 18.24 8.02
N LEU A 47 8.23 17.82 6.76
CA LEU A 47 7.12 16.99 6.30
C LEU A 47 7.67 15.65 5.83
N SER A 48 7.19 14.57 6.44
CA SER A 48 7.58 13.22 6.06
C SER A 48 6.36 12.49 5.51
N LEU A 49 6.55 11.81 4.38
CA LEU A 49 5.47 11.08 3.73
C LEU A 49 5.81 9.60 3.74
N ASN A 50 4.99 8.80 4.43
CA ASN A 50 5.09 7.35 4.45
C ASN A 50 3.97 6.81 3.57
N SER A 51 4.29 6.47 2.32
CA SER A 51 3.29 6.07 1.35
C SER A 51 3.48 4.61 0.96
N ALA A 52 2.42 3.81 1.09
CA ALA A 52 2.46 2.44 0.63
C ALA A 52 2.44 2.33 -0.89
N VAL A 53 2.11 3.41 -1.60
CA VAL A 53 2.09 3.37 -3.06
C VAL A 53 3.43 3.80 -3.64
N HIS A 54 3.93 4.97 -3.21
CA HIS A 54 5.17 5.50 -3.75
C HIS A 54 6.37 5.21 -2.87
N GLY A 55 6.22 5.27 -1.56
CA GLY A 55 7.33 5.09 -0.66
C GLY A 55 7.57 6.27 0.25
N PHE A 56 8.78 6.37 0.78
CA PHE A 56 9.13 7.41 1.73
C PHE A 56 9.70 8.63 1.01
N ARG A 57 9.13 9.80 1.30
CA ARG A 57 9.66 11.08 0.84
C ARG A 57 9.73 12.02 2.04
N ARG A 58 10.75 12.87 2.06
CA ARG A 58 10.96 13.82 3.15
C ARG A 58 11.18 15.20 2.56
N LEU A 59 10.51 16.20 3.13
CA LEU A 59 10.65 17.60 2.73
C LEU A 59 11.14 18.38 3.95
N ALA A 60 12.45 18.64 4.00
CA ALA A 60 13.05 19.35 5.12
C ALA A 60 14.30 20.10 4.65
N PRO A 61 14.35 21.43 4.83
CA PRO A 61 13.27 22.18 5.47
C PRO A 61 12.12 22.47 4.52
N VAL A 62 11.00 22.92 5.07
CA VAL A 62 9.82 23.23 4.30
C VAL A 62 9.50 24.71 4.50
N GLN A 63 8.92 25.32 3.47
CA GLN A 63 8.47 26.71 3.56
C GLN A 63 7.14 26.73 4.30
N ALA A 64 7.19 27.00 5.60
CA ALA A 64 6.04 26.89 6.48
C ALA A 64 5.61 28.27 6.95
N TYR A 65 4.29 28.47 7.01
CA TYR A 65 3.73 29.76 7.39
C TYR A 65 2.62 29.55 8.41
N HIS A 66 2.50 30.49 9.34
CA HIS A 66 1.43 30.46 10.33
C HIS A 66 0.30 31.43 10.00
N SER A 67 0.51 32.35 9.06
CA SER A 67 -0.53 33.27 8.63
C SER A 67 -0.42 33.48 7.13
N ALA A 68 -1.58 33.49 6.46
CA ALA A 68 -1.59 33.67 5.01
C ALA A 68 -0.99 34.99 4.59
N GLN A 69 -1.02 36.00 5.47
CA GLN A 69 -0.40 37.29 5.15
C GLN A 69 1.09 37.15 4.86
N ASP A 70 1.76 36.19 5.50
CA ASP A 70 3.19 36.01 5.29
C ASP A 70 3.51 35.28 3.99
N MET A 71 2.50 34.67 3.38
CA MET A 71 2.75 33.91 2.16
C MET A 71 2.94 34.86 0.97
N PRO A 72 3.81 34.48 0.04
CA PRO A 72 3.91 35.21 -1.22
C PRO A 72 2.72 34.87 -2.12
N PRO A 73 2.44 35.71 -3.12
CA PRO A 73 1.30 35.42 -4.01
C PRO A 73 1.57 34.18 -4.86
N CYS A 74 0.67 33.21 -4.78
CA CYS A 74 0.81 31.94 -5.48
C CYS A 74 -0.13 31.88 -6.68
N ASP A 75 0.32 31.23 -7.75
CA ASP A 75 -0.51 31.08 -8.94
C ASP A 75 -1.53 29.97 -8.78
N TRP A 76 -1.22 28.93 -8.02
CA TRP A 76 -2.14 27.84 -7.71
C TRP A 76 -2.27 27.71 -6.21
N LEU A 77 -3.50 27.63 -5.72
CA LEU A 77 -3.78 27.48 -4.30
C LEU A 77 -4.48 26.15 -4.09
N LEU A 78 -3.76 25.20 -3.49
CA LEU A 78 -4.32 23.89 -3.16
C LEU A 78 -4.97 24.00 -1.78
N VAL A 79 -6.29 23.91 -1.73
CA VAL A 79 -7.04 24.05 -0.48
C VAL A 79 -7.31 22.65 0.05
N GLY A 80 -6.59 22.28 1.11
CA GLY A 80 -6.78 20.99 1.75
C GLY A 80 -7.47 21.10 3.09
N ALA A 81 -8.11 22.24 3.35
CA ALA A 81 -8.83 22.42 4.60
C ALA A 81 -10.13 21.63 4.57
N LYS A 82 -10.73 21.48 5.76
CA LYS A 82 -12.05 20.90 5.84
C LYS A 82 -13.10 21.92 5.41
N THR A 83 -14.28 21.43 5.06
CA THR A 83 -15.35 22.30 4.57
C THR A 83 -16.16 22.93 5.70
N THR A 84 -15.73 22.81 6.95
CA THR A 84 -16.55 23.19 8.10
C THR A 84 -16.27 24.59 8.62
N GLY A 85 -15.48 25.39 7.90
CA GLY A 85 -15.18 26.73 8.38
C GLY A 85 -14.80 27.71 7.29
N ASN A 86 -15.73 27.98 6.37
CA ASN A 86 -15.42 28.85 5.24
C ASN A 86 -15.16 30.28 5.69
N HIS A 87 -15.81 30.73 6.78
CA HIS A 87 -15.56 32.07 7.28
C HIS A 87 -14.09 32.25 7.65
N GLU A 88 -13.48 31.22 8.24
CA GLU A 88 -12.06 31.27 8.54
C GLU A 88 -11.22 31.05 7.29
N LEU A 89 -11.70 30.21 6.38
CA LEU A 89 -10.90 29.77 5.25
C LEU A 89 -10.78 30.86 4.18
N ALA A 90 -11.86 31.61 3.94
CA ALA A 90 -11.89 32.52 2.81
C ALA A 90 -10.84 33.62 2.85
N PRO A 91 -10.66 34.36 3.95
CA PRO A 91 -9.62 35.40 3.95
C PRO A 91 -8.22 34.84 3.73
N LEU A 92 -7.98 33.59 4.13
CA LEU A 92 -6.67 32.99 3.90
C LEU A 92 -6.39 32.79 2.42
N ILE A 93 -7.39 32.31 1.66
CA ILE A 93 -7.21 32.14 0.22
C ILE A 93 -6.92 33.47 -0.44
N ARG A 94 -7.71 34.50 -0.10
CA ARG A 94 -7.55 35.81 -0.72
C ARG A 94 -6.16 36.39 -0.43
N ALA A 95 -5.69 36.27 0.82
CA ALA A 95 -4.41 36.86 1.18
C ALA A 95 -3.26 36.19 0.45
N ALA A 96 -3.36 34.91 0.14
CA ALA A 96 -2.30 34.16 -0.51
C ALA A 96 -2.44 34.10 -2.02
N ALA A 97 -3.49 34.68 -2.58
CA ALA A 97 -3.79 34.54 -4.01
C ALA A 97 -3.06 35.61 -4.81
N ALA A 98 -2.35 35.16 -5.84
CA ALA A 98 -1.83 36.08 -6.84
C ALA A 98 -2.98 36.53 -7.75
N PRO A 99 -2.78 37.58 -8.54
CA PRO A 99 -3.82 38.00 -9.48
C PRO A 99 -4.18 36.87 -10.45
N GLY A 100 -5.48 36.59 -10.55
CA GLY A 100 -5.94 35.52 -11.42
C GLY A 100 -5.49 34.14 -11.01
N ALA A 101 -5.26 33.93 -9.71
CA ALA A 101 -4.82 32.63 -9.23
C ALA A 101 -5.90 31.57 -9.43
N LYS A 102 -5.48 30.31 -9.40
CA LYS A 102 -6.36 29.17 -9.52
C LYS A 102 -6.51 28.52 -8.15
N VAL A 103 -7.74 28.48 -7.65
CA VAL A 103 -8.04 27.93 -6.33
C VAL A 103 -8.62 26.53 -6.52
N LEU A 104 -7.91 25.52 -6.03
CA LEU A 104 -8.27 24.12 -6.21
C LEU A 104 -8.75 23.57 -4.87
N LEU A 105 -10.03 23.21 -4.79
CA LEU A 105 -10.63 22.74 -3.55
C LEU A 105 -10.49 21.22 -3.49
N LEU A 106 -9.45 20.75 -2.80
CA LEU A 106 -9.25 19.31 -2.58
C LEU A 106 -10.10 18.88 -1.40
N GLN A 107 -11.41 18.85 -1.63
CA GLN A 107 -12.39 18.71 -0.56
C GLN A 107 -13.53 17.82 -1.02
N ASN A 108 -14.11 17.10 -0.06
CA ASN A 108 -15.28 16.28 -0.32
C ASN A 108 -16.55 17.13 -0.26
N GLY A 109 -17.64 16.51 -0.69
CA GLY A 109 -18.96 17.10 -0.54
C GLY A 109 -19.55 17.53 -1.87
N LEU A 110 -20.68 18.23 -1.77
CA LEU A 110 -21.42 18.74 -2.91
C LEU A 110 -21.70 20.22 -2.68
N GLY A 111 -21.64 21.00 -3.76
CA GLY A 111 -21.88 22.43 -3.66
C GLY A 111 -20.77 23.19 -2.99
N VAL A 112 -19.58 22.60 -2.88
CA VAL A 112 -18.52 23.17 -2.07
C VAL A 112 -18.00 24.46 -2.70
N GLU A 113 -17.74 24.44 -4.01
CA GLU A 113 -17.22 25.64 -4.67
C GLU A 113 -18.26 26.76 -4.63
N GLU A 114 -19.51 26.44 -5.00
CA GLU A 114 -20.55 27.46 -5.01
C GLU A 114 -20.73 28.08 -3.64
N ARG A 115 -20.58 27.31 -2.57
CA ARG A 115 -20.69 27.88 -1.23
C ARG A 115 -19.54 28.83 -0.92
N LEU A 116 -18.37 28.61 -1.53
CA LEU A 116 -17.22 29.46 -1.30
C LEU A 116 -17.12 30.62 -2.26
N ARG A 117 -17.72 30.49 -3.46
CA ARG A 117 -17.56 31.50 -4.50
C ARG A 117 -17.93 32.92 -4.08
N PRO A 118 -19.01 33.17 -3.32
CA PRO A 118 -19.31 34.56 -2.94
C PRO A 118 -18.24 35.22 -2.08
N LEU A 119 -17.39 34.44 -1.41
CA LEU A 119 -16.36 34.99 -0.55
C LEU A 119 -15.02 35.16 -1.26
N LEU A 120 -14.92 34.77 -2.52
CA LEU A 120 -13.68 34.93 -3.27
C LEU A 120 -13.89 35.93 -4.41
N PRO A 121 -12.85 36.70 -4.75
CA PRO A 121 -12.95 37.58 -5.91
C PRO A 121 -13.34 36.81 -7.15
N GLU A 122 -14.11 37.46 -8.02
CA GLU A 122 -14.53 36.83 -9.26
C GLU A 122 -13.40 36.69 -10.27
N SER A 123 -12.26 37.36 -10.02
CA SER A 123 -11.09 37.24 -10.88
C SER A 123 -10.28 35.97 -10.62
N LEU A 124 -10.59 35.23 -9.56
CA LEU A 124 -9.90 33.98 -9.29
C LEU A 124 -10.64 32.81 -9.95
N HIS A 125 -9.88 31.80 -10.33
CA HIS A 125 -10.45 30.58 -10.92
C HIS A 125 -10.72 29.58 -9.81
N LEU A 126 -11.99 29.25 -9.59
CA LEU A 126 -12.40 28.32 -8.55
C LEU A 126 -12.56 26.94 -9.16
N LEU A 127 -11.71 26.00 -8.74
CA LEU A 127 -11.72 24.64 -9.25
C LEU A 127 -11.97 23.65 -8.11
N GLY A 128 -12.50 22.49 -8.47
CA GLY A 128 -12.68 21.39 -7.55
C GLY A 128 -11.74 20.24 -7.89
N GLY A 129 -11.13 19.67 -6.85
CA GLY A 129 -10.28 18.51 -7.02
C GLY A 129 -10.82 17.30 -6.27
N LEU A 130 -11.28 16.29 -7.02
CA LEU A 130 -11.82 15.06 -6.43
C LEU A 130 -10.65 14.11 -6.18
N CYS A 131 -10.37 13.83 -4.90
CA CYS A 131 -9.22 13.04 -4.50
C CYS A 131 -9.68 11.66 -4.06
N PHE A 132 -9.39 10.63 -4.87
CA PHE A 132 -9.60 9.25 -4.44
C PHE A 132 -8.29 8.77 -3.83
N ILE A 133 -8.22 8.79 -2.50
CA ILE A 133 -6.98 8.57 -1.77
C ILE A 133 -7.33 8.18 -0.36
N CYS A 134 -6.48 7.36 0.24
CA CYS A 134 -6.53 7.02 1.66
C CYS A 134 -5.31 7.66 2.28
N VAL A 135 -5.51 8.75 3.02
CA VAL A 135 -4.39 9.43 3.66
C VAL A 135 -4.86 10.01 4.97
N HIS A 136 -3.99 9.96 5.98
CA HIS A 136 -4.31 10.54 7.27
C HIS A 136 -3.02 11.06 7.89
N ARG A 137 -3.19 12.02 8.79
CA ARG A 137 -2.06 12.52 9.59
C ARG A 137 -1.75 11.52 10.69
N GLY A 138 -0.49 11.11 10.80
CA GLY A 138 -0.06 10.29 11.90
C GLY A 138 0.48 11.16 13.02
N GLU A 139 1.74 10.94 13.39
CA GLU A 139 2.40 11.84 14.31
C GLU A 139 2.55 13.22 13.64
N PRO A 140 2.74 14.27 14.45
CA PRO A 140 2.88 15.61 13.85
C PRO A 140 3.99 15.65 12.81
N GLY A 141 3.69 16.29 11.68
CA GLY A 141 4.61 16.37 10.58
C GLY A 141 4.72 15.12 9.72
N VAL A 142 3.93 14.08 10.00
CA VAL A 142 4.03 12.81 9.28
C VAL A 142 2.72 12.55 8.55
N ILE A 143 2.83 12.17 7.28
CA ILE A 143 1.69 11.89 6.41
C ILE A 143 1.69 10.39 6.11
N GLU A 144 0.62 9.70 6.49
CA GLU A 144 0.50 8.25 6.25
C GLU A 144 -0.41 8.05 5.05
N HIS A 145 0.19 7.71 3.91
CA HIS A 145 -0.54 7.48 2.68
C HIS A 145 -0.70 5.97 2.47
N GLN A 146 -1.94 5.50 2.45
CA GLN A 146 -2.20 4.06 2.41
C GLN A 146 -2.57 3.53 1.04
N ALA A 147 -3.25 4.32 0.21
CA ALA A 147 -3.78 3.76 -1.02
C ALA A 147 -4.15 4.88 -1.99
N TYR A 148 -4.07 4.55 -3.28
CA TYR A 148 -4.56 5.37 -4.39
C TYR A 148 -3.85 6.73 -4.36
N GLY A 149 -4.56 7.83 -4.65
CA GLY A 149 -3.94 9.14 -4.63
C GLY A 149 -4.32 10.03 -5.80
N GLY A 150 -5.06 9.49 -6.76
CA GLY A 150 -5.39 10.27 -7.96
C GLY A 150 -6.32 11.43 -7.66
N VAL A 151 -6.14 12.51 -8.42
CA VAL A 151 -6.97 13.70 -8.31
C VAL A 151 -7.55 14.03 -9.67
N ASN A 152 -8.87 14.17 -9.74
CA ASN A 152 -9.52 14.66 -10.94
C ASN A 152 -9.97 16.09 -10.71
N LEU A 153 -9.73 16.95 -11.70
CA LEU A 153 -9.98 18.38 -11.59
C LEU A 153 -11.21 18.77 -12.39
N GLY A 154 -11.92 19.76 -11.88
CA GLY A 154 -13.07 20.31 -12.58
C GLY A 154 -13.20 21.81 -12.32
N TYR A 155 -13.65 22.54 -13.33
CA TYR A 155 -13.80 23.99 -13.23
C TYR A 155 -15.21 24.32 -12.75
N HIS A 156 -15.32 25.20 -11.76
CA HIS A 156 -16.62 25.65 -11.30
C HIS A 156 -16.92 27.07 -11.75
N SER A 157 -16.08 28.04 -11.38
CA SER A 157 -16.38 29.44 -11.67
C SER A 157 -15.09 30.22 -11.81
N GLY A 158 -15.20 31.40 -12.42
CA GLY A 158 -14.06 32.24 -12.69
C GLY A 158 -14.19 32.95 -14.02
N PRO A 159 -13.25 33.86 -14.31
CA PRO A 159 -13.36 34.67 -15.54
C PRO A 159 -12.99 33.95 -16.82
N ALA A 160 -12.52 32.71 -16.74
CA ALA A 160 -12.04 32.01 -17.93
C ALA A 160 -13.18 31.67 -18.87
N ASP A 161 -12.92 31.84 -20.17
CA ASP A 161 -13.86 31.44 -21.20
C ASP A 161 -13.85 29.92 -21.37
N GLU A 162 -14.63 29.42 -22.33
CA GLU A 162 -14.72 27.97 -22.53
C GLU A 162 -13.37 27.37 -22.89
N ARG A 163 -12.56 28.09 -23.67
CA ARG A 163 -11.26 27.57 -24.05
C ARG A 163 -10.31 27.54 -22.86
N ARG A 164 -10.21 28.65 -22.12
CA ARG A 164 -9.26 28.71 -21.02
C ARG A 164 -9.69 27.83 -19.85
N ARG A 165 -10.99 27.59 -19.71
CA ARG A 165 -11.46 26.68 -18.67
C ARG A 165 -10.91 25.27 -18.89
N ARG A 166 -10.92 24.81 -20.14
CA ARG A 166 -10.34 23.50 -20.42
C ARG A 166 -8.83 23.51 -20.23
N GLU A 167 -8.16 24.60 -20.62
CA GLU A 167 -6.72 24.70 -20.49
C GLU A 167 -6.30 24.74 -19.02
N ILE A 168 -7.02 25.51 -18.20
CA ILE A 168 -6.68 25.61 -16.79
C ILE A 168 -6.86 24.27 -16.09
N VAL A 169 -7.98 23.59 -16.36
CA VAL A 169 -8.20 22.26 -15.80
C VAL A 169 -7.13 21.30 -16.30
N GLU A 170 -6.72 21.46 -17.55
CA GLU A 170 -5.66 20.60 -18.09
C GLU A 170 -4.31 20.96 -17.48
N GLU A 171 -4.05 22.25 -17.26
CA GLU A 171 -2.78 22.66 -16.67
C GLU A 171 -2.63 22.13 -15.25
N GLY A 172 -3.71 22.17 -14.47
CA GLY A 172 -3.65 21.64 -13.12
C GLY A 172 -3.46 20.14 -13.09
N ALA A 173 -4.17 19.42 -13.95
CA ALA A 173 -3.99 17.97 -14.04
C ALA A 173 -2.56 17.61 -14.42
N ALA A 174 -1.95 18.39 -15.31
CA ALA A 174 -0.58 18.12 -15.75
C ALA A 174 0.40 18.26 -14.59
N LEU A 175 0.17 19.24 -13.70
CA LEU A 175 1.02 19.41 -12.54
C LEU A 175 1.08 18.12 -11.70
N PHE A 176 -0.08 17.52 -11.47
CA PHE A 176 -0.12 16.31 -10.65
C PHE A 176 0.47 15.12 -11.39
N ARG A 177 0.22 15.00 -12.69
CA ARG A 177 0.84 13.94 -13.47
C ARG A 177 2.35 14.11 -13.52
N GLU A 178 2.83 15.36 -13.54
CA GLU A 178 4.27 15.62 -13.47
C GLU A 178 4.88 15.05 -12.19
N SER A 179 4.12 15.03 -11.10
CA SER A 179 4.60 14.59 -9.80
C SER A 179 4.38 13.10 -9.56
N GLY A 180 4.04 12.34 -10.59
CA GLY A 180 3.84 10.91 -10.44
C GLY A 180 2.46 10.47 -10.01
N LEU A 181 1.50 11.40 -9.97
CA LEU A 181 0.13 11.06 -9.61
C LEU A 181 -0.72 10.90 -10.86
N GLU A 182 -1.83 10.20 -10.71
CA GLU A 182 -2.83 10.09 -11.76
C GLU A 182 -3.78 11.27 -11.64
N SER A 183 -4.08 11.90 -12.78
CA SER A 183 -4.95 13.06 -12.75
C SER A 183 -5.68 13.17 -14.08
N THR A 184 -7.01 13.30 -14.00
CA THR A 184 -7.87 13.37 -15.16
C THR A 184 -8.66 14.68 -15.14
N ALA A 185 -8.75 15.32 -16.29
CA ALA A 185 -9.56 16.52 -16.44
C ALA A 185 -11.02 16.11 -16.60
N MET A 186 -11.89 16.61 -15.70
CA MET A 186 -13.30 16.27 -15.74
C MET A 186 -14.08 17.36 -16.47
N PRO A 187 -14.97 17.00 -17.40
CA PRO A 187 -15.76 18.04 -18.08
C PRO A 187 -16.88 18.63 -17.23
N ASP A 188 -17.31 17.92 -16.18
CA ASP A 188 -18.43 18.37 -15.34
C ASP A 188 -18.04 18.15 -13.88
N LEU A 189 -17.81 19.24 -13.15
CA LEU A 189 -17.40 19.14 -11.76
C LEU A 189 -18.54 18.65 -10.88
N GLU A 190 -19.77 19.05 -11.20
CA GLU A 190 -20.92 18.63 -10.40
C GLU A 190 -21.11 17.11 -10.47
N GLN A 191 -21.06 16.56 -11.70
CA GLN A 191 -21.18 15.11 -11.84
C GLN A 191 -20.05 14.39 -11.12
N ALA A 192 -18.83 14.93 -11.21
CA ALA A 192 -17.69 14.31 -10.55
C ALA A 192 -17.83 14.35 -9.04
N ARG A 193 -18.41 15.43 -8.51
CA ARG A 193 -18.62 15.50 -7.06
C ARG A 193 -19.68 14.49 -6.62
N TRP A 194 -20.72 14.29 -7.44
CA TRP A 194 -21.71 13.25 -7.13
C TRP A 194 -21.07 11.87 -7.14
N GLN A 195 -20.16 11.62 -8.07
CA GLN A 195 -19.45 10.34 -8.12
C GLN A 195 -18.70 10.09 -6.83
N LYS A 196 -17.93 11.08 -6.37
CA LYS A 196 -17.17 10.94 -5.14
C LYS A 196 -18.08 10.71 -3.95
N LEU A 197 -19.27 11.28 -3.97
CA LEU A 197 -20.23 11.10 -2.87
C LEU A 197 -20.66 9.65 -2.73
N VAL A 198 -20.63 8.88 -3.82
CA VAL A 198 -21.05 7.49 -3.73
C VAL A 198 -20.17 6.73 -2.75
N TRP A 199 -18.91 7.14 -2.62
CA TRP A 199 -18.05 6.52 -1.63
C TRP A 199 -18.14 7.22 -0.26
N ASN A 200 -18.02 8.54 -0.22
CA ASN A 200 -17.87 9.18 1.09
C ASN A 200 -19.15 9.17 1.91
N ILE A 201 -20.33 9.18 1.27
CA ILE A 201 -21.58 9.16 2.04
C ILE A 201 -21.73 7.88 2.85
N PRO A 202 -21.64 6.66 2.27
CA PRO A 202 -21.76 5.46 3.12
C PRO A 202 -20.59 5.28 4.07
N TYR A 203 -19.35 5.43 3.58
CA TYR A 203 -18.20 5.00 4.37
C TYR A 203 -17.85 5.97 5.48
N ASN A 204 -17.92 7.28 5.24
CA ASN A 204 -17.64 8.22 6.31
C ASN A 204 -18.66 8.08 7.44
N GLY A 205 -19.94 8.07 7.08
CA GLY A 205 -20.97 8.03 8.11
C GLY A 205 -21.01 6.72 8.87
N LEU A 206 -20.96 5.60 8.14
CA LEU A 206 -21.01 4.30 8.82
C LEU A 206 -19.76 4.06 9.67
N SER A 207 -18.62 4.62 9.27
CA SER A 207 -17.42 4.48 10.09
C SER A 207 -17.63 5.15 11.45
N VAL A 208 -18.26 6.31 11.46
CA VAL A 208 -18.57 6.98 12.72
C VAL A 208 -19.71 6.27 13.43
N LEU A 209 -20.79 5.98 12.70
CA LEU A 209 -21.99 5.43 13.34
C LEU A 209 -21.74 4.05 13.91
N LEU A 210 -21.00 3.20 13.20
CA LEU A 210 -20.74 1.85 13.65
C LEU A 210 -19.38 1.69 14.32
N LYS A 211 -18.67 2.79 14.58
CA LYS A 211 -17.37 2.79 15.25
C LYS A 211 -16.43 1.76 14.64
N SER A 212 -16.26 1.85 13.32
CA SER A 212 -15.57 0.81 12.57
C SER A 212 -14.84 1.43 11.39
N SER A 213 -13.93 0.66 10.82
CA SER A 213 -13.17 1.08 9.65
C SER A 213 -13.66 0.28 8.43
N THR A 214 -12.99 0.50 7.29
CA THR A 214 -13.48 -0.07 6.03
C THR A 214 -13.41 -1.58 6.01
N ALA A 215 -12.37 -2.17 6.62
CA ALA A 215 -12.24 -3.63 6.55
C ALA A 215 -13.37 -4.35 7.28
N PRO A 216 -13.72 -4.02 8.53
CA PRO A 216 -14.88 -4.70 9.15
C PRO A 216 -16.19 -4.42 8.44
N LEU A 217 -16.38 -3.20 7.94
CA LEU A 217 -17.62 -2.87 7.23
C LEU A 217 -17.76 -3.69 5.96
N MET A 218 -16.65 -4.00 5.30
CA MET A 218 -16.70 -4.78 4.06
C MET A 218 -16.79 -6.27 4.34
N ALA A 219 -16.23 -6.73 5.45
CA ALA A 219 -16.20 -8.15 5.76
C ALA A 219 -17.53 -8.66 6.30
N ASN A 220 -18.35 -7.79 6.86
CA ASN A 220 -19.64 -8.18 7.42
C ASN A 220 -20.72 -8.06 6.34
N ALA A 221 -21.50 -9.14 6.17
CA ALA A 221 -22.48 -9.15 5.07
C ALA A 221 -23.56 -8.10 5.26
N ASP A 222 -23.93 -7.79 6.51
CA ASP A 222 -25.02 -6.84 6.73
C ASP A 222 -24.57 -5.41 6.44
N SER A 223 -23.41 -5.01 6.98
CA SER A 223 -22.91 -3.67 6.69
C SER A 223 -22.56 -3.51 5.21
N ARG A 224 -22.10 -4.59 4.57
CA ARG A 224 -21.81 -4.50 3.15
C ARG A 224 -23.07 -4.27 2.34
N SER A 225 -24.16 -4.99 2.65
CA SER A 225 -25.42 -4.74 1.98
C SER A 225 -25.94 -3.33 2.26
N LEU A 226 -25.70 -2.83 3.47
CA LEU A 226 -26.13 -1.47 3.79
C LEU A 226 -25.35 -0.44 2.98
N ILE A 227 -24.03 -0.60 2.90
CA ILE A 227 -23.22 0.28 2.06
C ILE A 227 -23.76 0.31 0.65
N GLU A 228 -24.02 -0.87 0.09
CA GLU A 228 -24.51 -0.97 -1.29
C GLU A 228 -25.84 -0.27 -1.44
N ALA A 229 -26.76 -0.49 -0.51
CA ALA A 229 -28.07 0.16 -0.57
C ALA A 229 -27.95 1.68 -0.49
N ILE A 230 -27.03 2.18 0.35
CA ILE A 230 -26.79 3.62 0.42
C ILE A 230 -26.23 4.12 -0.91
N MET A 231 -25.26 3.38 -1.47
CA MET A 231 -24.67 3.76 -2.75
C MET A 231 -25.75 3.91 -3.82
N GLU A 232 -26.70 2.97 -3.88
CA GLU A 232 -27.75 3.07 -4.90
C GLU A 232 -28.65 4.26 -4.66
N GLU A 233 -28.77 4.73 -3.41
CA GLU A 233 -29.51 5.95 -3.13
C GLU A 233 -28.78 7.17 -3.70
N VAL A 234 -27.47 7.26 -3.45
CA VAL A 234 -26.69 8.38 -3.99
C VAL A 234 -26.66 8.35 -5.50
N ILE A 235 -26.47 7.16 -6.09
CA ILE A 235 -26.52 7.03 -7.54
C ILE A 235 -27.88 7.49 -8.07
N GLY A 236 -28.96 7.00 -7.47
CA GLY A 236 -30.29 7.40 -7.91
C GLY A 236 -30.55 8.89 -7.74
N ALA A 237 -30.02 9.48 -6.66
CA ALA A 237 -30.17 10.91 -6.45
C ALA A 237 -29.40 11.71 -7.48
N ALA A 238 -28.16 11.30 -7.78
CA ALA A 238 -27.40 11.98 -8.83
C ALA A 238 -28.14 11.94 -10.16
N GLY A 239 -28.70 10.78 -10.51
CA GLY A 239 -29.46 10.69 -11.75
C GLY A 239 -30.71 11.54 -11.73
N ALA A 240 -31.34 11.66 -10.57
CA ALA A 240 -32.52 12.52 -10.45
C ALA A 240 -32.17 13.99 -10.56
N CYS A 241 -30.93 14.37 -10.26
CA CYS A 241 -30.47 15.74 -10.38
C CYS A 241 -29.83 16.04 -11.73
N GLY A 242 -29.88 15.09 -12.67
CA GLY A 242 -29.37 15.31 -14.00
C GLY A 242 -27.98 14.78 -14.28
N PHE A 243 -27.45 13.87 -13.47
CA PHE A 243 -26.09 13.35 -13.62
C PHE A 243 -26.14 11.82 -13.51
N ILE A 244 -26.21 11.15 -14.65
CA ILE A 244 -26.21 9.69 -14.66
C ILE A 244 -24.78 9.20 -14.50
N LEU A 245 -24.51 8.51 -13.40
CA LEU A 245 -23.18 8.01 -13.10
C LEU A 245 -22.91 6.74 -13.92
N PRO A 246 -21.64 6.37 -14.07
CA PRO A 246 -21.31 5.15 -14.82
C PRO A 246 -21.98 3.91 -14.22
N GLU A 247 -22.32 2.97 -15.09
CA GLU A 247 -22.99 1.75 -14.64
C GLU A 247 -22.05 0.88 -13.82
N GLY A 248 -22.62 0.21 -12.82
CA GLY A 248 -21.84 -0.62 -11.92
C GLY A 248 -20.77 0.14 -11.17
N TYR A 249 -21.00 1.44 -10.91
CA TYR A 249 -20.01 2.20 -10.16
C TYR A 249 -19.93 1.72 -8.71
N ALA A 250 -21.05 1.27 -8.15
CA ALA A 250 -21.03 0.69 -6.81
C ALA A 250 -20.08 -0.50 -6.75
N ASP A 251 -20.19 -1.42 -7.71
CA ASP A 251 -19.31 -2.58 -7.73
C ASP A 251 -17.86 -2.18 -7.92
N GLN A 252 -17.61 -1.16 -8.75
CA GLN A 252 -16.24 -0.67 -8.91
C GLN A 252 -15.70 -0.07 -7.62
N LEU A 253 -16.55 0.65 -6.88
CA LEU A 253 -16.11 1.22 -5.61
C LEU A 253 -15.87 0.13 -4.58
N LEU A 254 -16.76 -0.86 -4.53
CA LEU A 254 -16.59 -1.97 -3.59
C LEU A 254 -15.30 -2.73 -3.86
N ALA A 255 -15.02 -3.01 -5.14
CA ALA A 255 -13.79 -3.71 -5.49
C ALA A 255 -12.55 -2.92 -5.10
N ALA A 256 -12.59 -1.60 -5.31
CA ALA A 256 -11.47 -0.77 -4.89
C ALA A 256 -11.32 -0.78 -3.37
N THR A 257 -12.45 -0.78 -2.65
CA THR A 257 -12.38 -0.80 -1.19
C THR A 257 -11.90 -2.14 -0.66
N GLU A 258 -12.21 -3.23 -1.37
CA GLU A 258 -11.68 -4.55 -1.00
C GLU A 258 -10.17 -4.58 -1.08
N ARG A 259 -9.59 -3.88 -2.05
CA ARG A 259 -8.14 -3.82 -2.21
C ARG A 259 -7.53 -2.68 -1.42
N MET A 260 -8.32 -1.98 -0.62
CA MET A 260 -7.85 -0.95 0.28
C MET A 260 -7.37 -1.59 1.59
N PRO A 261 -6.22 -1.17 2.10
CA PRO A 261 -5.89 -1.51 3.49
C PRO A 261 -6.95 -0.94 4.42
N ASP A 262 -7.10 -1.56 5.59
CA ASP A 262 -8.07 -1.11 6.57
C ASP A 262 -7.89 0.38 6.83
N TYR A 263 -8.96 1.14 6.60
CA TYR A 263 -8.87 2.59 6.54
C TYR A 263 -9.98 3.24 7.34
N ARG A 264 -9.63 4.30 8.08
CA ARG A 264 -10.61 5.11 8.78
C ARG A 264 -10.86 6.37 7.96
N PRO A 265 -12.08 6.57 7.46
CA PRO A 265 -12.38 7.79 6.70
C PRO A 265 -12.07 9.05 7.49
N SER A 266 -11.93 10.16 6.76
CA SER A 266 -11.62 11.45 7.38
C SER A 266 -12.62 11.80 8.47
N MET A 267 -13.91 11.54 8.24
CA MET A 267 -14.92 11.86 9.24
C MET A 267 -14.72 11.07 10.53
N TYR A 268 -14.20 9.85 10.43
CA TYR A 268 -13.91 9.08 11.64
C TYR A 268 -12.85 9.77 12.48
N HIS A 269 -11.78 10.26 11.84
CA HIS A 269 -10.76 10.99 12.58
C HIS A 269 -11.32 12.26 13.20
N ASP A 270 -12.22 12.95 12.48
CA ASP A 270 -12.82 14.17 13.01
C ASP A 270 -13.60 13.90 14.28
N PHE A 271 -14.49 12.89 14.24
CA PHE A 271 -15.29 12.57 15.42
C PHE A 271 -14.41 12.18 16.61
N ALA A 272 -13.38 11.36 16.36
CA ALA A 272 -12.52 10.92 17.44
C ALA A 272 -11.73 12.08 18.04
N HIS A 273 -11.31 13.04 17.21
CA HIS A 273 -10.54 14.18 17.69
C HIS A 273 -11.42 15.30 18.24
N GLY A 274 -12.74 15.18 18.13
CA GLY A 274 -13.62 16.23 18.59
C GLY A 274 -13.82 17.38 17.61
N ARG A 275 -13.33 17.25 16.38
CA ARG A 275 -13.48 18.30 15.39
C ARG A 275 -14.88 18.21 14.74
N PRO A 276 -15.40 19.33 14.25
CA PRO A 276 -16.73 19.30 13.62
C PRO A 276 -16.74 18.43 12.38
N LEU A 277 -17.83 17.67 12.22
CA LEU A 277 -17.95 16.76 11.09
C LEU A 277 -18.44 17.51 9.86
N GLU A 278 -17.92 17.10 8.69
CA GLU A 278 -18.31 17.72 7.43
C GLU A 278 -19.70 17.28 7.01
N LEU A 279 -20.68 17.36 7.90
CA LEU A 279 -22.03 16.88 7.56
C LEU A 279 -22.70 17.79 6.55
N ALA A 280 -22.43 19.09 6.59
CA ALA A 280 -23.13 20.03 5.71
C ALA A 280 -22.84 19.76 4.25
N ALA A 281 -21.57 19.50 3.92
CA ALA A 281 -21.20 19.28 2.52
C ALA A 281 -21.45 17.85 2.07
N ILE A 282 -21.29 16.87 2.95
CA ILE A 282 -21.38 15.49 2.51
C ILE A 282 -22.81 14.94 2.59
N TYR A 283 -23.63 15.40 3.53
CA TYR A 283 -25.00 14.92 3.64
C TYR A 283 -26.04 15.98 3.37
N ALA A 284 -25.96 17.13 4.06
CA ALA A 284 -27.03 18.12 3.95
C ALA A 284 -27.20 18.60 2.52
N ALA A 285 -26.09 18.95 1.86
CA ALA A 285 -26.18 19.48 0.50
C ALA A 285 -26.75 18.45 -0.49
N PRO A 286 -26.29 17.20 -0.55
CA PRO A 286 -26.93 16.24 -1.45
C PRO A 286 -28.39 15.97 -1.12
N LEU A 287 -28.73 15.89 0.18
CA LEU A 287 -30.12 15.69 0.57
C LEU A 287 -31.00 16.84 0.09
N ALA A 288 -30.56 18.08 0.31
CA ALA A 288 -31.35 19.23 -0.14
C ALA A 288 -31.44 19.28 -1.66
N ARG A 289 -30.33 18.95 -2.34
CA ARG A 289 -30.34 18.89 -3.80
C ARG A 289 -31.30 17.82 -4.30
N ALA A 290 -31.29 16.64 -3.67
CA ALA A 290 -32.22 15.59 -4.05
C ALA A 290 -33.65 15.97 -3.73
N ALA A 291 -33.86 16.65 -2.61
CA ALA A 291 -35.21 17.10 -2.25
C ALA A 291 -35.78 18.04 -3.31
N ALA A 292 -34.97 18.99 -3.79
CA ALA A 292 -35.44 19.90 -4.82
C ALA A 292 -35.77 19.19 -6.12
N ALA A 293 -35.17 18.02 -6.38
CA ALA A 293 -35.52 17.21 -7.54
C ALA A 293 -36.64 16.21 -7.25
N GLY A 294 -37.21 16.24 -6.04
CA GLY A 294 -38.27 15.31 -5.70
C GLY A 294 -37.81 13.89 -5.48
N TYR A 295 -36.52 13.68 -5.27
CA TYR A 295 -35.96 12.36 -5.03
C TYR A 295 -35.58 12.21 -3.57
N ARG A 296 -36.08 11.15 -2.93
CA ARG A 296 -35.85 10.92 -1.52
C ARG A 296 -34.78 9.86 -1.31
N MET A 297 -33.93 10.08 -0.31
CA MET A 297 -32.85 9.16 0.07
C MET A 297 -33.07 8.78 1.52
N PRO A 298 -34.00 7.85 1.79
CA PRO A 298 -34.36 7.57 3.20
C PRO A 298 -33.19 7.09 4.05
N ARG A 299 -32.36 6.18 3.53
CA ARG A 299 -31.22 5.69 4.30
C ARG A 299 -30.20 6.80 4.56
N VAL A 300 -29.90 7.60 3.54
CA VAL A 300 -28.98 8.72 3.71
C VAL A 300 -29.57 9.75 4.65
N GLU A 301 -30.87 10.03 4.50
CA GLU A 301 -31.55 10.94 5.41
C GLU A 301 -31.45 10.46 6.85
N ALA A 302 -31.63 9.16 7.07
CA ALA A 302 -31.56 8.60 8.42
C ALA A 302 -30.12 8.59 8.94
N LEU A 303 -29.16 8.25 8.09
CA LEU A 303 -27.76 8.31 8.50
C LEU A 303 -27.37 9.72 8.93
N HIS A 304 -27.79 10.73 8.15
CA HIS A 304 -27.50 12.12 8.50
C HIS A 304 -28.10 12.51 9.84
N GLN A 305 -29.33 12.06 10.11
CA GLN A 305 -29.96 12.36 11.39
C GLN A 305 -29.21 11.70 12.53
N ALA A 306 -28.78 10.44 12.33
CA ALA A 306 -28.00 9.74 13.35
C ALA A 306 -26.68 10.45 13.62
N LEU A 307 -25.99 10.89 12.56
CA LEU A 307 -24.72 11.59 12.75
C LEU A 307 -24.93 12.90 13.49
N ARG A 308 -25.98 13.65 13.14
CA ARG A 308 -26.25 14.89 13.86
C ARG A 308 -26.54 14.60 15.33
N PHE A 309 -27.26 13.52 15.62
CA PHE A 309 -27.49 13.14 17.01
C PHE A 309 -26.17 12.88 17.72
N LEU A 310 -25.31 12.06 17.11
CA LEU A 310 -24.05 11.69 17.75
C LEU A 310 -23.18 12.90 18.01
N GLU A 311 -23.13 13.84 17.06
CA GLU A 311 -22.28 15.01 17.24
C GLU A 311 -22.76 15.90 18.36
N ALA A 312 -24.06 15.90 18.66
CA ALA A 312 -24.61 16.74 19.72
C ALA A 312 -24.52 16.09 21.10
N GLN A 313 -24.17 14.81 21.19
CA GLN A 313 -24.11 14.14 22.49
C GLN A 313 -22.82 14.50 23.23
N PRO A 314 -22.85 14.50 24.57
CA PRO A 314 -21.65 14.78 25.35
C PRO A 314 -20.58 13.69 25.22
N GLN B 5 30.34 -7.86 -11.70
CA GLN B 5 29.92 -6.70 -12.48
C GLN B 5 28.93 -5.85 -11.67
N GLN B 6 28.11 -6.51 -10.85
CA GLN B 6 27.13 -5.84 -10.00
C GLN B 6 27.55 -5.97 -8.55
N ARG B 7 27.32 -4.90 -7.78
CA ARG B 7 27.61 -4.93 -6.34
C ARG B 7 26.34 -5.32 -5.61
N ILE B 8 26.36 -6.50 -5.00
CA ILE B 8 25.19 -7.07 -4.35
C ILE B 8 25.32 -6.92 -2.84
N GLY B 9 24.25 -6.49 -2.19
CA GLY B 9 24.15 -6.49 -0.74
C GLY B 9 23.11 -7.48 -0.30
N VAL B 10 23.41 -8.24 0.75
CA VAL B 10 22.50 -9.21 1.34
C VAL B 10 22.10 -8.67 2.72
N ILE B 11 20.85 -8.26 2.85
CA ILE B 11 20.31 -7.77 4.13
C ILE B 11 19.57 -8.94 4.77
N GLY B 12 20.19 -9.55 5.78
CA GLY B 12 19.63 -10.73 6.39
C GLY B 12 20.24 -11.99 5.79
N THR B 13 21.38 -12.41 6.34
CA THR B 13 22.15 -13.52 5.78
C THR B 13 21.82 -14.79 6.56
N GLY B 14 20.65 -15.33 6.29
CA GLY B 14 20.23 -16.62 6.81
C GLY B 14 20.36 -17.71 5.77
N ALA B 15 19.41 -18.64 5.77
CA ALA B 15 19.44 -19.72 4.79
C ALA B 15 19.24 -19.20 3.38
N ILE B 16 18.23 -18.34 3.19
CA ILE B 16 17.94 -17.81 1.87
C ILE B 16 18.99 -16.79 1.45
N GLY B 17 19.21 -15.78 2.29
CA GLY B 17 20.19 -14.76 1.96
C GLY B 17 21.58 -15.33 1.78
N GLY B 18 21.98 -16.23 2.68
CA GLY B 18 23.28 -16.88 2.54
C GLY B 18 23.41 -17.68 1.25
N PHE B 19 22.37 -18.43 0.89
CA PHE B 19 22.44 -19.27 -0.31
C PHE B 19 22.57 -18.42 -1.57
N TYR B 20 21.61 -17.51 -1.78
CA TYR B 20 21.62 -16.72 -3.01
C TYR B 20 22.80 -15.77 -3.07
N GLY B 21 23.18 -15.20 -1.91
CA GLY B 21 24.38 -14.37 -1.88
C GLY B 21 25.62 -15.15 -2.26
N LEU B 22 25.78 -16.34 -1.67
CA LEU B 22 26.94 -17.18 -2.01
C LEU B 22 26.94 -17.54 -3.49
N MET B 23 25.78 -17.99 -4.01
CA MET B 23 25.70 -18.40 -5.40
C MET B 23 26.08 -17.27 -6.35
N LEU B 24 25.64 -16.04 -6.05
CA LEU B 24 25.99 -14.91 -6.90
C LEU B 24 27.49 -14.60 -6.81
N ALA B 25 28.05 -14.68 -5.61
CA ALA B 25 29.48 -14.44 -5.46
C ALA B 25 30.29 -15.45 -6.24
N HIS B 26 29.86 -16.72 -6.22
CA HIS B 26 30.55 -17.75 -6.98
C HIS B 26 30.44 -17.53 -8.49
N ALA B 27 29.48 -16.73 -8.93
CA ALA B 27 29.37 -16.32 -10.33
C ALA B 27 30.19 -15.08 -10.64
N GLY B 28 31.00 -14.62 -9.70
CA GLY B 28 31.86 -13.47 -9.93
C GLY B 28 31.28 -12.13 -9.55
N HIS B 29 30.14 -12.09 -8.88
CA HIS B 29 29.58 -10.83 -8.45
C HIS B 29 30.21 -10.38 -7.13
N ASP B 30 30.22 -9.06 -6.93
CA ASP B 30 30.79 -8.47 -5.73
C ASP B 30 29.70 -8.41 -4.67
N VAL B 31 29.75 -9.35 -3.71
CA VAL B 31 28.66 -9.57 -2.76
C VAL B 31 29.11 -9.16 -1.37
N HIS B 32 28.26 -8.41 -0.68
CA HIS B 32 28.51 -7.94 0.67
C HIS B 32 27.37 -8.40 1.57
N PHE B 33 27.72 -9.02 2.70
CA PHE B 33 26.75 -9.69 3.57
C PHE B 33 26.59 -8.93 4.88
N LEU B 34 25.34 -8.66 5.25
CA LEU B 34 24.99 -8.12 6.56
C LEU B 34 24.46 -9.25 7.43
N LEU B 35 25.12 -9.51 8.55
CA LEU B 35 24.80 -10.64 9.40
C LEU B 35 24.37 -10.17 10.79
N ARG B 36 23.69 -11.07 11.50
CA ARG B 36 23.11 -10.76 12.80
C ARG B 36 23.79 -11.64 13.84
N SER B 37 23.18 -12.75 14.23
CA SER B 37 23.75 -13.59 15.29
C SER B 37 25.09 -14.19 14.86
N GLU B 38 25.23 -14.55 13.59
CA GLU B 38 26.39 -15.29 13.12
C GLU B 38 27.43 -14.42 12.43
N PHE B 39 27.40 -13.10 12.65
CA PHE B 39 28.40 -12.25 12.00
C PHE B 39 29.82 -12.69 12.36
N GLU B 40 30.10 -12.82 13.66
CA GLU B 40 31.45 -13.15 14.08
C GLU B 40 31.91 -14.47 13.47
N ALA B 41 31.10 -15.51 13.58
CA ALA B 41 31.47 -16.81 13.04
C ALA B 41 31.69 -16.75 11.53
N VAL B 42 30.75 -16.14 10.80
CA VAL B 42 30.89 -16.09 9.35
C VAL B 42 32.02 -15.16 8.93
N ASN B 43 32.29 -14.10 9.70
CA ASN B 43 33.38 -13.20 9.35
C ASN B 43 34.72 -13.93 9.38
N ARG B 44 34.94 -14.78 10.38
CA ARG B 44 36.20 -15.50 10.48
C ARG B 44 36.17 -16.78 9.65
N ALA B 45 35.21 -17.66 9.92
CA ALA B 45 35.19 -18.96 9.26
C ALA B 45 34.81 -18.83 7.78
N GLY B 46 33.90 -17.93 7.46
CA GLY B 46 33.40 -17.81 6.12
C GLY B 46 32.03 -18.44 5.96
N LEU B 47 31.60 -18.52 4.70
CA LEU B 47 30.34 -19.12 4.31
C LEU B 47 30.59 -20.43 3.59
N SER B 48 29.81 -21.45 3.94
CA SER B 48 29.91 -22.75 3.29
C SER B 48 28.52 -23.30 3.04
N LEU B 49 28.37 -24.01 1.93
CA LEU B 49 27.08 -24.49 1.47
C LEU B 49 27.18 -25.97 1.12
N ASN B 50 26.35 -26.78 1.76
CA ASN B 50 26.14 -28.18 1.38
C ASN B 50 24.88 -28.23 0.53
N SER B 51 25.02 -28.63 -0.73
CA SER B 51 23.90 -28.57 -1.66
C SER B 51 23.86 -29.82 -2.51
N ALA B 52 22.70 -30.49 -2.51
CA ALA B 52 22.51 -31.66 -3.37
C ALA B 52 22.45 -31.29 -4.84
N VAL B 53 22.26 -30.01 -5.16
CA VAL B 53 22.22 -29.59 -6.55
C VAL B 53 23.59 -29.11 -7.02
N HIS B 54 24.28 -28.32 -6.20
CA HIS B 54 25.49 -27.63 -6.61
C HIS B 54 26.74 -28.14 -5.94
N GLY B 55 26.63 -29.19 -5.12
CA GLY B 55 27.78 -29.65 -4.37
C GLY B 55 28.20 -28.65 -3.32
N PHE B 56 29.34 -28.94 -2.71
CA PHE B 56 29.87 -28.07 -1.67
C PHE B 56 30.42 -26.79 -2.29
N ARG B 57 30.07 -25.65 -1.68
CA ARG B 57 30.53 -24.34 -2.10
C ARG B 57 30.97 -23.56 -0.88
N ARG B 58 32.08 -22.83 -1.01
CA ARG B 58 32.63 -22.07 0.09
C ARG B 58 33.06 -20.70 -0.40
N LEU B 59 32.90 -19.71 0.46
CA LEU B 59 33.39 -18.36 0.20
C LEU B 59 34.25 -17.93 1.38
N ALA B 60 35.51 -17.62 1.10
CA ALA B 60 36.44 -17.20 2.13
C ALA B 60 37.60 -16.44 1.47
N PRO B 61 37.84 -15.18 1.86
CA PRO B 61 37.06 -14.48 2.89
C PRO B 61 35.74 -13.92 2.36
N VAL B 62 34.78 -13.72 3.24
CA VAL B 62 33.50 -13.11 2.88
C VAL B 62 33.56 -11.64 3.26
N GLN B 63 32.95 -10.79 2.43
CA GLN B 63 32.79 -9.38 2.74
C GLN B 63 31.58 -9.27 3.66
N ALA B 64 31.82 -9.46 4.96
CA ALA B 64 30.78 -9.52 5.97
C ALA B 64 30.72 -8.22 6.76
N TYR B 65 29.51 -7.84 7.17
CA TYR B 65 29.28 -6.60 7.89
C TYR B 65 28.27 -6.85 8.99
N HIS B 66 28.53 -6.30 10.17
CA HIS B 66 27.57 -6.34 11.26
C HIS B 66 26.72 -5.07 11.34
N SER B 67 27.15 -4.00 10.69
CA SER B 67 26.40 -2.75 10.62
C SER B 67 26.11 -2.45 9.15
N ALA B 68 24.86 -2.09 8.85
CA ALA B 68 24.51 -1.79 7.47
C ALA B 68 25.22 -0.54 6.97
N GLN B 69 25.47 0.43 7.86
CA GLN B 69 26.16 1.65 7.46
C GLN B 69 27.62 1.39 7.09
N ASP B 70 28.17 0.24 7.48
CA ASP B 70 29.51 -0.14 7.04
C ASP B 70 29.54 -0.61 5.60
N MET B 71 28.40 -1.02 5.05
CA MET B 71 28.38 -1.58 3.72
C MET B 71 28.56 -0.49 2.67
N PRO B 72 29.18 -0.82 1.54
CA PRO B 72 29.24 0.13 0.43
C PRO B 72 27.91 0.18 -0.31
N PRO B 73 27.68 1.21 -1.11
CA PRO B 73 26.40 1.30 -1.83
C PRO B 73 26.26 0.20 -2.87
N CYS B 74 25.15 -0.53 -2.80
CA CYS B 74 24.92 -1.70 -3.63
C CYS B 74 23.85 -1.44 -4.67
N ASP B 75 24.02 -2.05 -5.84
CA ASP B 75 23.06 -1.90 -6.92
C ASP B 75 21.83 -2.78 -6.72
N TRP B 76 22.02 -3.98 -6.21
CA TRP B 76 20.94 -4.88 -5.84
C TRP B 76 21.07 -5.21 -4.36
N LEU B 77 19.95 -5.18 -3.65
CA LEU B 77 19.89 -5.58 -2.26
C LEU B 77 18.97 -6.79 -2.15
N LEU B 78 19.54 -7.91 -1.73
CA LEU B 78 18.79 -9.15 -1.55
C LEU B 78 18.39 -9.24 -0.09
N VAL B 79 17.09 -9.11 0.17
CA VAL B 79 16.59 -9.15 1.54
C VAL B 79 16.24 -10.60 1.87
N GLY B 80 17.05 -11.22 2.73
CA GLY B 80 16.81 -12.56 3.20
C GLY B 80 16.27 -12.65 4.59
N ALA B 81 15.95 -11.51 5.21
CA ALA B 81 15.34 -11.51 6.53
C ALA B 81 13.93 -12.09 6.47
N LYS B 82 13.40 -12.44 7.63
CA LYS B 82 12.01 -12.84 7.71
C LYS B 82 11.10 -11.64 7.54
N THR B 83 9.83 -11.92 7.26
CA THR B 83 8.81 -10.87 7.19
C THR B 83 8.38 -10.36 8.55
N THR B 84 9.00 -10.86 9.63
CA THR B 84 8.49 -10.61 10.97
C THR B 84 8.94 -9.28 11.56
N GLY B 85 10.03 -8.69 11.07
CA GLY B 85 10.51 -7.44 11.63
C GLY B 85 10.75 -6.38 10.58
N ASN B 86 9.67 -5.71 10.15
CA ASN B 86 9.75 -4.78 9.02
C ASN B 86 10.43 -3.47 9.43
N HIS B 87 10.11 -2.97 10.62
CA HIS B 87 10.69 -1.70 11.06
C HIS B 87 12.15 -1.85 11.48
N GLU B 88 12.56 -3.05 11.88
CA GLU B 88 13.98 -3.33 12.05
C GLU B 88 14.67 -3.49 10.71
N LEU B 89 13.93 -3.85 9.66
CA LEU B 89 14.51 -4.18 8.36
C LEU B 89 14.79 -2.94 7.54
N ALA B 90 13.91 -1.94 7.61
CA ALA B 90 13.97 -0.79 6.70
C ALA B 90 15.23 0.05 6.85
N PRO B 91 15.70 0.42 8.05
CA PRO B 91 16.89 1.29 8.11
C PRO B 91 18.12 0.68 7.46
N LEU B 92 18.27 -0.64 7.55
CA LEU B 92 19.43 -1.29 6.96
C LEU B 92 19.44 -1.14 5.44
N ILE B 93 18.27 -1.29 4.80
CA ILE B 93 18.19 -1.28 3.35
C ILE B 93 18.61 0.08 2.79
N ARG B 94 18.08 1.16 3.36
CA ARG B 94 18.41 2.50 2.90
C ARG B 94 19.91 2.79 3.02
N ALA B 95 20.55 2.24 4.04
CA ALA B 95 21.97 2.52 4.26
C ALA B 95 22.84 1.87 3.20
N ALA B 96 22.52 0.65 2.80
CA ALA B 96 23.35 -0.10 1.87
C ALA B 96 22.99 0.14 0.41
N ALA B 97 22.01 1.00 0.13
CA ALA B 97 21.48 1.15 -1.22
C ALA B 97 22.25 2.23 -1.97
N ALA B 98 22.80 1.86 -3.12
CA ALA B 98 23.30 2.86 -4.06
C ALA B 98 22.12 3.64 -4.62
N PRO B 99 22.37 4.83 -5.18
CA PRO B 99 21.29 5.59 -5.82
C PRO B 99 20.50 4.74 -6.80
N GLY B 100 19.19 4.67 -6.60
CA GLY B 100 18.34 3.87 -7.47
C GLY B 100 18.54 2.38 -7.36
N ALA B 101 18.94 1.90 -6.19
CA ALA B 101 19.15 0.47 -6.00
C ALA B 101 17.85 -0.31 -6.20
N LYS B 102 18.00 -1.59 -6.50
CA LYS B 102 16.89 -2.52 -6.62
C LYS B 102 16.80 -3.34 -5.34
N VAL B 103 15.64 -3.30 -4.68
CA VAL B 103 15.41 -4.05 -3.44
C VAL B 103 14.56 -5.26 -3.77
N LEU B 104 15.09 -6.44 -3.51
CA LEU B 104 14.44 -7.70 -3.85
C LEU B 104 14.14 -8.46 -2.56
N LEU B 105 12.85 -8.63 -2.26
CA LEU B 105 12.43 -9.32 -1.04
C LEU B 105 12.33 -10.81 -1.33
N LEU B 106 13.29 -11.59 -0.82
CA LEU B 106 13.28 -13.04 -0.98
C LEU B 106 12.46 -13.66 0.16
N GLN B 107 11.17 -13.39 0.10
CA GLN B 107 10.30 -13.61 1.25
C GLN B 107 8.97 -14.20 0.79
N ASN B 108 8.42 -15.07 1.64
CA ASN B 108 7.11 -15.66 1.38
C ASN B 108 6.01 -14.74 1.90
N GLY B 109 4.78 -15.08 1.56
CA GLY B 109 3.63 -14.40 2.11
C GLY B 109 2.91 -13.57 1.07
N LEU B 110 1.98 -12.76 1.55
CA LEU B 110 1.16 -11.90 0.72
C LEU B 110 1.23 -10.47 1.24
N GLY B 111 1.28 -9.51 0.32
CA GLY B 111 1.29 -8.12 0.70
C GLY B 111 2.56 -7.62 1.34
N VAL B 112 3.67 -8.35 1.16
CA VAL B 112 4.89 -8.01 1.88
C VAL B 112 5.52 -6.73 1.32
N GLU B 113 5.55 -6.58 -0.01
CA GLU B 113 6.14 -5.39 -0.60
C GLU B 113 5.38 -4.14 -0.18
N GLU B 114 4.04 -4.19 -0.24
CA GLU B 114 3.24 -3.03 0.15
C GLU B 114 3.49 -2.64 1.59
N ARG B 115 3.72 -3.62 2.47
CA ARG B 115 3.92 -3.31 3.87
C ARG B 115 5.29 -2.70 4.15
N LEU B 116 6.31 -3.05 3.36
CA LEU B 116 7.63 -2.46 3.53
C LEU B 116 7.78 -1.14 2.80
N ARG B 117 7.03 -0.95 1.72
CA ARG B 117 7.18 0.22 0.85
C ARG B 117 7.14 1.57 1.56
N PRO B 118 6.24 1.84 2.52
CA PRO B 118 6.19 3.20 3.11
C PRO B 118 7.50 3.65 3.72
N LEU B 119 8.37 2.71 4.13
CA LEU B 119 9.62 3.04 4.76
C LEU B 119 10.78 3.16 3.78
N LEU B 120 10.56 2.86 2.50
CA LEU B 120 11.64 2.87 1.52
C LEU B 120 11.53 4.07 0.61
N PRO B 121 12.62 4.82 0.40
CA PRO B 121 12.56 5.99 -0.48
C PRO B 121 12.05 5.64 -1.86
N GLU B 122 11.32 6.60 -2.45
CA GLU B 122 10.70 6.39 -3.75
C GLU B 122 11.72 6.19 -4.87
N SER B 123 12.96 6.58 -4.64
CA SER B 123 14.02 6.36 -5.63
C SER B 123 14.45 4.91 -5.71
N LEU B 124 14.05 4.08 -4.75
CA LEU B 124 14.44 2.67 -4.74
C LEU B 124 13.37 1.82 -5.40
N HIS B 125 13.80 0.92 -6.29
CA HIS B 125 12.90 -0.08 -6.85
C HIS B 125 12.64 -1.19 -5.84
N LEU B 126 11.38 -1.59 -5.73
CA LEU B 126 11.00 -2.66 -4.82
C LEU B 126 10.49 -3.85 -5.63
N LEU B 127 11.14 -4.99 -5.47
CA LEU B 127 10.77 -6.21 -6.19
C LEU B 127 10.54 -7.34 -5.20
N GLY B 128 9.74 -8.30 -5.66
CA GLY B 128 9.49 -9.53 -4.91
C GLY B 128 10.20 -10.70 -5.56
N GLY B 129 10.80 -11.55 -4.73
CA GLY B 129 11.47 -12.74 -5.19
C GLY B 129 10.88 -13.98 -4.57
N LEU B 130 10.15 -14.76 -5.36
CA LEU B 130 9.52 -15.97 -4.87
C LEU B 130 10.48 -17.13 -5.09
N CYS B 131 11.01 -17.67 -3.99
CA CYS B 131 12.03 -18.70 -4.05
C CYS B 131 11.38 -20.06 -3.82
N PHE B 132 11.55 -20.94 -4.79
N PHE B 132 11.45 -20.93 -4.82
CA PHE B 132 11.10 -22.33 -4.71
CA PHE B 132 11.06 -22.32 -4.63
C PHE B 132 12.35 -23.17 -4.42
C PHE B 132 12.34 -23.11 -4.40
N ILE B 133 12.61 -23.40 -3.13
CA ILE B 133 13.88 -23.96 -2.71
C ILE B 133 13.68 -24.64 -1.36
N CYS B 134 14.44 -25.71 -1.13
CA CYS B 134 14.51 -26.40 0.14
C CYS B 134 15.87 -26.08 0.75
N VAL B 135 15.89 -25.23 1.77
CA VAL B 135 17.16 -24.75 2.32
C VAL B 135 16.95 -24.31 3.76
N HIS B 136 17.96 -24.52 4.59
CA HIS B 136 17.85 -24.13 5.99
C HIS B 136 19.24 -23.95 6.60
N ARG B 137 19.30 -23.13 7.64
CA ARG B 137 20.52 -22.98 8.43
C ARG B 137 20.77 -24.28 9.18
N GLY B 138 21.78 -25.03 8.77
CA GLY B 138 22.07 -26.30 9.40
C GLY B 138 23.04 -26.18 10.56
N GLU B 139 24.26 -25.77 10.26
CA GLU B 139 25.33 -25.56 11.21
C GLU B 139 25.76 -24.11 11.18
N PRO B 140 26.27 -23.57 12.29
CA PRO B 140 26.71 -22.16 12.32
C PRO B 140 27.67 -21.83 11.17
N GLY B 141 27.21 -20.97 10.25
CA GLY B 141 27.97 -20.65 9.06
C GLY B 141 27.83 -21.62 7.92
N VAL B 142 26.99 -22.65 8.06
CA VAL B 142 26.78 -23.66 7.03
C VAL B 142 25.33 -23.64 6.59
N ILE B 143 25.11 -23.75 5.29
CA ILE B 143 23.78 -23.71 4.69
C ILE B 143 23.50 -25.06 4.05
N GLU B 144 22.35 -25.65 4.42
CA GLU B 144 21.95 -26.96 3.93
C GLU B 144 20.92 -26.78 2.83
N HIS B 145 21.32 -27.01 1.59
CA HIS B 145 20.45 -26.88 0.42
C HIS B 145 20.07 -28.28 -0.03
N GLN B 146 18.78 -28.62 0.09
CA GLN B 146 18.31 -29.97 -0.23
C GLN B 146 17.82 -30.11 -1.67
N ALA B 147 17.11 -29.12 -2.19
CA ALA B 147 16.53 -29.28 -3.53
C ALA B 147 16.15 -27.92 -4.10
N TYR B 148 16.06 -27.88 -5.43
CA TYR B 148 15.50 -26.76 -6.19
C TYR B 148 16.39 -25.52 -6.00
N GLY B 149 15.80 -24.33 -6.00
CA GLY B 149 16.57 -23.13 -5.83
C GLY B 149 16.17 -21.99 -6.75
N GLY B 150 15.20 -22.23 -7.62
CA GLY B 150 14.80 -21.22 -8.59
C GLY B 150 14.12 -20.03 -7.91
N VAL B 151 14.36 -18.85 -8.45
CA VAL B 151 13.74 -17.61 -7.97
C VAL B 151 13.00 -16.95 -9.11
N ASN B 152 11.75 -16.58 -8.86
CA ASN B 152 10.96 -15.82 -9.82
C ASN B 152 10.74 -14.42 -9.27
N LEU B 153 11.05 -13.42 -10.09
CA LEU B 153 11.07 -12.02 -9.68
C LEU B 153 9.87 -11.28 -10.25
N GLY B 154 9.31 -10.37 -9.47
CA GLY B 154 8.27 -9.48 -9.95
C GLY B 154 8.48 -8.09 -9.39
N TYR B 155 8.10 -7.09 -10.18
CA TYR B 155 8.27 -5.70 -9.81
C TYR B 155 7.04 -5.22 -9.04
N HIS B 156 7.27 -4.61 -7.89
CA HIS B 156 6.16 -4.02 -7.12
C HIS B 156 6.01 -2.52 -7.36
N SER B 157 7.05 -1.75 -7.09
CA SER B 157 6.92 -0.30 -7.09
C SER B 157 8.30 0.33 -7.25
N GLY B 158 8.29 1.57 -7.75
CA GLY B 158 9.50 2.32 -7.93
C GLY B 158 9.41 3.28 -9.10
N PRO B 159 10.50 4.01 -9.36
CA PRO B 159 10.45 5.09 -10.35
C PRO B 159 10.43 4.62 -11.80
N ALA B 160 10.45 3.31 -12.06
CA ALA B 160 10.51 2.82 -13.42
C ALA B 160 9.14 2.86 -14.10
N ASP B 161 9.14 3.15 -15.40
CA ASP B 161 7.92 2.99 -16.19
C ASP B 161 7.76 1.53 -16.59
N GLU B 162 6.71 1.23 -17.36
CA GLU B 162 6.36 -0.17 -17.59
C GLU B 162 7.46 -0.91 -18.35
N ARG B 163 8.07 -0.26 -19.35
CA ARG B 163 9.17 -0.90 -20.07
C ARG B 163 10.36 -1.11 -19.16
N ARG B 164 10.74 -0.08 -18.39
CA ARG B 164 11.88 -0.19 -17.50
C ARG B 164 11.64 -1.21 -16.39
N ARG B 165 10.39 -1.35 -15.93
CA ARG B 165 10.10 -2.38 -14.94
C ARG B 165 10.41 -3.77 -15.48
N ARG B 166 10.02 -4.03 -16.73
CA ARG B 166 10.32 -5.33 -17.33
C ARG B 166 11.82 -5.54 -17.48
N GLU B 167 12.54 -4.48 -17.85
CA GLU B 167 13.98 -4.58 -18.02
C GLU B 167 14.67 -4.88 -16.69
N ILE B 168 14.17 -4.30 -15.61
CA ILE B 168 14.79 -4.51 -14.31
C ILE B 168 14.51 -5.92 -13.80
N VAL B 169 13.29 -6.40 -13.97
CA VAL B 169 12.99 -7.78 -13.57
C VAL B 169 13.81 -8.76 -14.40
N GLU B 170 13.92 -8.51 -15.71
CA GLU B 170 14.72 -9.38 -16.56
C GLU B 170 16.19 -9.33 -16.15
N GLU B 171 16.69 -8.15 -15.81
CA GLU B 171 18.06 -8.02 -15.31
C GLU B 171 18.27 -8.82 -14.04
N GLY B 172 17.30 -8.79 -13.12
CA GLY B 172 17.42 -9.57 -11.91
C GLY B 172 17.41 -11.06 -12.18
N ALA B 173 16.48 -11.51 -13.02
CA ALA B 173 16.42 -12.94 -13.36
C ALA B 173 17.73 -13.40 -13.99
N ALA B 174 18.30 -12.59 -14.88
CA ALA B 174 19.54 -12.98 -15.56
C ALA B 174 20.69 -13.11 -14.58
N LEU B 175 20.71 -12.29 -13.53
CA LEU B 175 21.76 -12.41 -12.50
C LEU B 175 21.76 -13.81 -11.89
N PHE B 176 20.60 -14.29 -11.46
CA PHE B 176 20.52 -15.62 -10.86
C PHE B 176 20.80 -16.70 -11.91
N ARG B 177 20.32 -16.52 -13.14
CA ARG B 177 20.57 -17.50 -14.18
C ARG B 177 22.05 -17.63 -14.46
N GLU B 178 22.78 -16.51 -14.50
CA GLU B 178 24.23 -16.54 -14.63
C GLU B 178 24.89 -17.30 -13.49
N SER B 179 24.23 -17.40 -12.34
CA SER B 179 24.73 -18.11 -11.18
C SER B 179 24.45 -19.60 -11.21
N GLY B 180 23.81 -20.09 -12.27
CA GLY B 180 23.42 -21.49 -12.33
C GLY B 180 22.07 -21.81 -11.73
N LEU B 181 21.29 -20.79 -11.38
CA LEU B 181 19.97 -20.98 -10.81
C LEU B 181 18.90 -20.70 -11.85
N GLU B 182 17.77 -21.39 -11.73
CA GLU B 182 16.63 -21.11 -12.59
C GLU B 182 15.95 -19.83 -12.16
N SER B 183 15.51 -19.03 -13.13
CA SER B 183 14.90 -17.74 -12.83
C SER B 183 14.03 -17.31 -13.99
N THR B 184 12.81 -16.86 -13.69
CA THR B 184 11.91 -16.33 -14.70
C THR B 184 11.28 -15.04 -14.21
N ALA B 185 11.00 -14.14 -15.14
CA ALA B 185 10.33 -12.89 -14.85
C ALA B 185 8.84 -13.12 -14.74
N MET B 186 8.26 -12.70 -13.62
CA MET B 186 6.82 -12.88 -13.52
C MET B 186 6.08 -11.63 -13.97
N PRO B 187 5.01 -11.80 -14.75
CA PRO B 187 4.24 -10.62 -15.18
C PRO B 187 3.47 -9.96 -14.05
N ASP B 188 3.06 -10.73 -13.04
CA ASP B 188 2.18 -10.21 -11.99
C ASP B 188 2.69 -10.73 -10.64
N LEU B 189 3.42 -9.87 -9.92
CA LEU B 189 3.94 -10.25 -8.62
C LEU B 189 2.83 -10.66 -7.66
N GLU B 190 1.70 -9.94 -7.68
CA GLU B 190 0.62 -10.27 -6.76
C GLU B 190 0.01 -11.63 -7.09
N GLN B 191 -0.24 -11.89 -8.37
CA GLN B 191 -0.72 -13.20 -8.78
C GLN B 191 0.24 -14.30 -8.36
N ALA B 192 1.55 -14.05 -8.48
CA ALA B 192 2.52 -15.07 -8.13
C ALA B 192 2.57 -15.33 -6.64
N ARG B 193 2.40 -14.27 -5.83
CA ARG B 193 2.38 -14.45 -4.38
C ARG B 193 1.18 -15.29 -3.97
N TRP B 194 0.02 -15.08 -4.61
CA TRP B 194 -1.14 -15.94 -4.34
C TRP B 194 -0.86 -17.39 -4.70
N GLN B 195 -0.24 -17.62 -5.87
CA GLN B 195 0.09 -18.97 -6.28
C GLN B 195 1.00 -19.66 -5.27
N LYS B 196 2.00 -18.94 -4.77
CA LYS B 196 2.94 -19.52 -3.82
C LYS B 196 2.28 -19.86 -2.50
N LEU B 197 1.25 -19.10 -2.10
CA LEU B 197 0.52 -19.41 -0.87
C LEU B 197 -0.16 -20.77 -0.94
N VAL B 198 -0.56 -21.20 -2.13
CA VAL B 198 -1.22 -22.49 -2.28
C VAL B 198 -0.34 -23.62 -1.77
N TRP B 199 0.98 -23.45 -1.84
CA TRP B 199 1.88 -24.44 -1.27
C TRP B 199 2.24 -24.12 0.17
N ASN B 200 2.59 -22.85 0.46
CA ASN B 200 3.12 -22.52 1.78
C ASN B 200 2.05 -22.67 2.87
N ILE B 201 0.81 -22.26 2.59
CA ILE B 201 -0.23 -22.32 3.62
C ILE B 201 -0.45 -23.74 4.14
N PRO B 202 -0.70 -24.75 3.30
CA PRO B 202 -0.90 -26.09 3.88
C PRO B 202 0.38 -26.71 4.42
N TYR B 203 1.49 -26.61 3.69
CA TYR B 203 2.66 -27.38 4.08
C TYR B 203 3.38 -26.76 5.27
N ASN B 204 3.56 -25.44 5.30
CA ASN B 204 4.20 -24.82 6.45
C ASN B 204 3.40 -25.10 7.72
N GLY B 205 2.09 -24.89 7.66
CA GLY B 205 1.28 -25.02 8.87
C GLY B 205 1.15 -26.46 9.34
N LEU B 206 0.87 -27.38 8.41
CA LEU B 206 0.68 -28.77 8.82
C LEU B 206 1.98 -29.41 9.28
N SER B 207 3.13 -28.95 8.73
CA SER B 207 4.41 -29.47 9.21
C SER B 207 4.62 -29.12 10.67
N VAL B 208 4.28 -27.90 11.06
CA VAL B 208 4.39 -27.51 12.47
C VAL B 208 3.31 -28.22 13.29
N LEU B 209 2.05 -28.14 12.84
CA LEU B 209 0.93 -28.67 13.60
C LEU B 209 1.04 -30.17 13.81
N LEU B 210 1.32 -30.91 12.74
CA LEU B 210 1.40 -32.36 12.79
C LEU B 210 2.81 -32.86 13.05
N LYS B 211 3.77 -31.97 13.32
CA LYS B 211 5.15 -32.33 13.63
C LYS B 211 5.72 -33.31 12.62
N SER B 212 5.57 -32.98 11.33
CA SER B 212 5.87 -33.93 10.28
C SER B 212 6.55 -33.23 9.12
N SER B 213 7.38 -33.98 8.40
CA SER B 213 7.97 -33.50 7.17
C SER B 213 7.02 -33.79 6.01
N THR B 214 7.47 -33.46 4.79
CA THR B 214 6.59 -33.51 3.62
C THR B 214 6.23 -34.94 3.24
N ALA B 215 7.17 -35.90 3.40
CA ALA B 215 6.90 -37.26 2.93
C ALA B 215 5.82 -37.96 3.75
N PRO B 216 5.87 -37.98 5.08
CA PRO B 216 4.74 -38.57 5.82
C PRO B 216 3.42 -37.85 5.59
N LEU B 217 3.46 -36.54 5.31
CA LEU B 217 2.22 -35.81 5.07
C LEU B 217 1.59 -36.24 3.75
N MET B 218 2.42 -36.49 2.73
CA MET B 218 1.91 -36.96 1.45
C MET B 218 1.60 -38.45 1.45
N ALA B 219 2.25 -39.22 2.32
CA ALA B 219 2.02 -40.66 2.33
C ALA B 219 0.68 -41.03 2.98
N ASN B 220 0.27 -40.29 4.01
CA ASN B 220 -0.96 -40.60 4.71
C ASN B 220 -2.16 -40.01 3.95
N ALA B 221 -3.20 -40.83 3.79
CA ALA B 221 -4.32 -40.44 2.95
C ALA B 221 -5.14 -39.30 3.57
N ASP B 222 -5.18 -39.20 4.90
CA ASP B 222 -5.97 -38.15 5.52
C ASP B 222 -5.24 -36.80 5.47
N SER B 223 -3.95 -36.78 5.77
CA SER B 223 -3.20 -35.53 5.63
C SER B 223 -3.17 -35.07 4.18
N ARG B 224 -3.03 -36.00 3.24
CA ARG B 224 -3.01 -35.63 1.83
C ARG B 224 -4.33 -35.01 1.39
N SER B 225 -5.45 -35.60 1.83
CA SER B 225 -6.77 -35.03 1.54
C SER B 225 -6.97 -33.69 2.24
N LEU B 226 -6.42 -33.54 3.44
CA LEU B 226 -6.49 -32.26 4.14
C LEU B 226 -5.67 -31.20 3.41
N ILE B 227 -4.49 -31.58 2.91
CA ILE B 227 -3.67 -30.64 2.15
C ILE B 227 -4.43 -30.15 0.92
N GLU B 228 -5.06 -31.07 0.20
CA GLU B 228 -5.79 -30.72 -1.01
C GLU B 228 -6.97 -29.81 -0.69
N ALA B 229 -7.68 -30.09 0.40
CA ALA B 229 -8.81 -29.24 0.79
C ALA B 229 -8.34 -27.82 1.13
N ILE B 230 -7.20 -27.71 1.82
CA ILE B 230 -6.64 -26.40 2.11
C ILE B 230 -6.21 -25.68 0.84
N MET B 231 -5.59 -26.41 -0.09
CA MET B 231 -5.21 -25.82 -1.38
C MET B 231 -6.41 -25.22 -2.08
N GLU B 232 -7.53 -25.97 -2.10
CA GLU B 232 -8.75 -25.47 -2.73
C GLU B 232 -9.22 -24.17 -2.09
N GLU B 233 -9.07 -24.05 -0.77
CA GLU B 233 -9.46 -22.81 -0.08
C GLU B 233 -8.61 -21.63 -0.54
N VAL B 234 -7.29 -21.81 -0.59
CA VAL B 234 -6.40 -20.75 -1.05
C VAL B 234 -6.69 -20.40 -2.50
N ILE B 235 -6.89 -21.42 -3.35
CA ILE B 235 -7.21 -21.18 -4.76
C ILE B 235 -8.54 -20.45 -4.88
N GLY B 236 -9.52 -20.81 -4.05
CA GLY B 236 -10.79 -20.10 -4.05
C GLY B 236 -10.64 -18.67 -3.56
N ALA B 237 -9.83 -18.47 -2.52
CA ALA B 237 -9.58 -17.13 -2.02
C ALA B 237 -8.87 -16.27 -3.08
N ALA B 238 -7.89 -16.85 -3.77
CA ALA B 238 -7.24 -16.14 -4.86
C ALA B 238 -8.25 -15.77 -5.95
N GLY B 239 -9.13 -16.70 -6.31
CA GLY B 239 -10.14 -16.40 -7.30
C GLY B 239 -11.10 -15.31 -6.84
N ALA B 240 -11.54 -15.37 -5.58
CA ALA B 240 -12.42 -14.36 -5.04
C ALA B 240 -11.78 -12.98 -5.01
N CYS B 241 -10.44 -12.92 -5.01
CA CYS B 241 -9.71 -11.66 -4.97
C CYS B 241 -9.23 -11.22 -6.34
N GLY B 242 -9.64 -11.90 -7.41
CA GLY B 242 -9.35 -11.47 -8.75
C GLY B 242 -8.26 -12.23 -9.48
N PHE B 243 -7.69 -13.28 -8.88
CA PHE B 243 -6.61 -14.04 -9.48
C PHE B 243 -7.05 -15.49 -9.65
N ILE B 244 -7.36 -15.88 -10.88
CA ILE B 244 -7.79 -17.24 -11.17
C ILE B 244 -6.56 -18.06 -11.55
N LEU B 245 -6.25 -19.06 -10.75
CA LEU B 245 -5.09 -19.92 -10.95
C LEU B 245 -5.37 -20.94 -12.04
N PRO B 246 -4.32 -21.58 -12.59
CA PRO B 246 -4.53 -22.54 -13.68
C PRO B 246 -5.46 -23.67 -13.30
N GLU B 247 -5.98 -24.34 -14.34
CA GLU B 247 -6.90 -25.45 -14.15
C GLU B 247 -6.17 -26.62 -13.49
N GLY B 248 -6.83 -27.23 -12.50
CA GLY B 248 -6.25 -28.37 -11.80
C GLY B 248 -4.92 -28.07 -11.13
N TYR B 249 -4.76 -26.85 -10.60
CA TYR B 249 -3.47 -26.44 -10.06
C TYR B 249 -3.13 -27.20 -8.78
N ALA B 250 -4.14 -27.62 -8.02
CA ALA B 250 -3.86 -28.37 -6.80
C ALA B 250 -3.21 -29.71 -7.12
N ASP B 251 -3.71 -30.41 -8.14
CA ASP B 251 -3.15 -31.70 -8.49
C ASP B 251 -1.71 -31.58 -8.96
N GLN B 252 -1.39 -30.53 -9.72
CA GLN B 252 -0.02 -30.33 -10.17
C GLN B 252 0.93 -30.15 -8.99
N LEU B 253 0.54 -29.32 -8.02
CA LEU B 253 1.40 -29.05 -6.89
C LEU B 253 1.54 -30.28 -5.99
N LEU B 254 0.43 -31.02 -5.79
CA LEU B 254 0.50 -32.26 -5.03
C LEU B 254 1.45 -33.25 -5.68
N ALA B 255 1.38 -33.40 -7.01
CA ALA B 255 2.24 -34.36 -7.70
C ALA B 255 3.71 -34.01 -7.54
N ALA B 256 4.05 -32.73 -7.73
CA ALA B 256 5.45 -32.30 -7.60
C ALA B 256 5.96 -32.47 -6.17
N THR B 257 5.10 -32.28 -5.17
CA THR B 257 5.55 -32.44 -3.79
C THR B 257 5.80 -33.90 -3.46
N GLU B 258 5.06 -34.82 -4.09
CA GLU B 258 5.35 -36.24 -3.90
C GLU B 258 6.75 -36.58 -4.42
N ARG B 259 7.16 -35.94 -5.51
CA ARG B 259 8.51 -36.11 -6.04
C ARG B 259 9.56 -35.35 -5.24
N MET B 260 9.15 -34.50 -4.31
CA MET B 260 10.09 -33.78 -3.47
C MET B 260 10.81 -34.75 -2.52
N PRO B 261 12.05 -34.46 -2.17
CA PRO B 261 12.70 -35.21 -1.09
C PRO B 261 12.07 -34.86 0.25
N ASP B 262 12.25 -35.76 1.22
CA ASP B 262 11.72 -35.53 2.56
C ASP B 262 12.25 -34.22 3.10
N TYR B 263 11.34 -33.31 3.46
CA TYR B 263 11.72 -31.93 3.70
C TYR B 263 10.89 -31.32 4.82
N ARG B 264 11.56 -30.59 5.71
CA ARG B 264 10.90 -29.85 6.77
C ARG B 264 10.81 -28.39 6.35
N PRO B 265 9.60 -27.86 6.14
CA PRO B 265 9.46 -26.48 5.64
C PRO B 265 10.13 -25.46 6.55
N SER B 266 10.40 -24.29 5.98
CA SER B 266 11.06 -23.22 6.72
C SER B 266 10.38 -22.95 8.05
N MET B 267 9.03 -22.92 8.05
CA MET B 267 8.31 -22.63 9.27
C MET B 267 8.51 -23.72 10.32
N TYR B 268 8.75 -24.96 9.90
CA TYR B 268 9.03 -26.02 10.87
C TYR B 268 10.35 -25.73 11.61
N HIS B 269 11.39 -25.38 10.87
CA HIS B 269 12.66 -25.02 11.50
C HIS B 269 12.49 -23.83 12.43
N ASP B 270 11.68 -22.85 12.01
CA ASP B 270 11.41 -21.69 12.86
C ASP B 270 10.79 -22.11 14.19
N PHE B 271 9.79 -22.99 14.13
CA PHE B 271 9.11 -23.40 15.36
C PHE B 271 10.04 -24.22 16.25
N ALA B 272 10.86 -25.08 15.65
CA ALA B 272 11.76 -25.92 16.44
C ALA B 272 12.80 -25.08 17.18
N HIS B 273 13.35 -24.07 16.51
CA HIS B 273 14.34 -23.18 17.13
C HIS B 273 13.71 -22.05 17.93
N GLY B 274 12.38 -22.05 18.08
CA GLY B 274 11.72 -21.02 18.85
C GLY B 274 11.67 -19.66 18.19
N ARG B 275 11.94 -19.56 16.90
CA ARG B 275 11.91 -18.28 16.21
C ARG B 275 10.47 -17.91 15.85
N PRO B 276 10.16 -16.61 15.73
CA PRO B 276 8.81 -16.20 15.35
C PRO B 276 8.41 -16.78 14.00
N LEU B 277 7.19 -17.32 13.94
CA LEU B 277 6.66 -17.83 12.69
C LEU B 277 6.08 -16.68 11.87
N GLU B 278 6.19 -16.81 10.55
CA GLU B 278 5.71 -15.78 9.64
C GLU B 278 4.20 -15.89 9.43
N LEU B 279 3.46 -15.98 10.54
CA LEU B 279 2.01 -16.14 10.41
C LEU B 279 1.35 -14.92 9.82
N ALA B 280 1.89 -13.73 10.09
CA ALA B 280 1.25 -12.50 9.63
C ALA B 280 1.20 -12.44 8.10
N ALA B 281 2.33 -12.71 7.45
CA ALA B 281 2.36 -12.61 5.98
C ALA B 281 1.76 -13.83 5.31
N ILE B 282 1.92 -15.01 5.91
CA ILE B 282 1.51 -16.24 5.25
C ILE B 282 0.04 -16.59 5.53
N TYR B 283 -0.48 -16.23 6.71
CA TYR B 283 -1.86 -16.59 7.07
C TYR B 283 -2.77 -15.38 7.29
N ALA B 284 -2.37 -14.44 8.14
CA ALA B 284 -3.27 -13.34 8.51
C ALA B 284 -3.63 -12.48 7.30
N ALA B 285 -2.63 -12.13 6.48
CA ALA B 285 -2.89 -11.28 5.33
C ALA B 285 -3.79 -11.94 4.28
N PRO B 286 -3.56 -13.20 3.88
CA PRO B 286 -4.55 -13.85 3.00
C PRO B 286 -5.94 -13.95 3.63
N LEU B 287 -6.00 -14.29 4.91
CA LEU B 287 -7.31 -14.39 5.57
C LEU B 287 -8.03 -13.05 5.57
N ALA B 288 -7.29 -11.96 5.81
CA ALA B 288 -7.91 -10.63 5.84
C ALA B 288 -8.36 -10.20 4.44
N ARG B 289 -7.54 -10.48 3.42
CA ARG B 289 -7.90 -10.11 2.05
C ARG B 289 -9.12 -10.89 1.59
N ALA B 290 -9.19 -12.19 1.91
CA ALA B 290 -10.35 -12.99 1.55
C ALA B 290 -11.60 -12.53 2.30
N ALA B 291 -11.44 -12.16 3.57
CA ALA B 291 -12.57 -11.64 4.33
C ALA B 291 -13.13 -10.38 3.67
N ALA B 292 -12.25 -9.50 3.22
CA ALA B 292 -12.68 -8.29 2.51
C ALA B 292 -13.50 -8.62 1.27
N ALA B 293 -13.20 -9.74 0.63
CA ALA B 293 -13.98 -10.21 -0.50
C ALA B 293 -15.19 -11.03 -0.09
N GLY B 294 -15.42 -11.20 1.21
CA GLY B 294 -16.52 -12.02 1.68
C GLY B 294 -16.32 -13.51 1.45
N TYR B 295 -15.07 -13.96 1.37
CA TYR B 295 -14.76 -15.36 1.06
C TYR B 295 -14.18 -16.01 2.30
N ARG B 296 -14.86 -17.02 2.81
CA ARG B 296 -14.45 -17.70 4.03
C ARG B 296 -13.48 -18.83 3.71
N MET B 297 -12.45 -18.98 4.53
CA MET B 297 -11.47 -20.06 4.44
C MET B 297 -11.45 -20.78 5.78
N PRO B 298 -12.43 -21.63 6.04
CA PRO B 298 -12.55 -22.23 7.38
C PRO B 298 -11.33 -23.04 7.80
N ARG B 299 -10.79 -23.88 6.91
CA ARG B 299 -9.65 -24.70 7.31
C ARG B 299 -8.39 -23.86 7.53
N VAL B 300 -8.14 -22.89 6.65
CA VAL B 300 -6.99 -22.00 6.83
C VAL B 300 -7.17 -21.16 8.09
N GLU B 301 -8.39 -20.65 8.30
CA GLU B 301 -8.67 -19.88 9.50
C GLU B 301 -8.41 -20.71 10.76
N ALA B 302 -8.85 -21.97 10.78
CA ALA B 302 -8.63 -22.83 11.93
C ALA B 302 -7.16 -23.20 12.08
N LEU B 303 -6.48 -23.45 10.95
CA LEU B 303 -5.05 -23.75 11.01
C LEU B 303 -4.26 -22.58 11.58
N HIS B 304 -4.58 -21.35 11.14
CA HIS B 304 -3.90 -20.18 11.68
C HIS B 304 -4.11 -20.07 13.19
N GLN B 305 -5.34 -20.31 13.65
CA GLN B 305 -5.62 -20.23 15.08
C GLN B 305 -4.81 -21.26 15.85
N ALA B 306 -4.69 -22.47 15.31
CA ALA B 306 -3.89 -23.50 15.98
C ALA B 306 -2.41 -23.11 16.01
N LEU B 307 -1.92 -22.52 14.92
CA LEU B 307 -0.53 -22.09 14.88
C LEU B 307 -0.26 -20.99 15.89
N ARG B 308 -1.18 -20.03 16.03
CA ARG B 308 -1.02 -19.00 17.04
C ARG B 308 -1.06 -19.59 18.44
N PHE B 309 -1.95 -20.56 18.67
CA PHE B 309 -1.98 -21.24 19.97
C PHE B 309 -0.65 -21.91 20.26
N LEU B 310 -0.09 -22.62 19.28
CA LEU B 310 1.15 -23.34 19.50
C LEU B 310 2.30 -22.37 19.78
N GLU B 311 2.32 -21.23 19.09
CA GLU B 311 3.36 -20.24 19.35
C GLU B 311 3.29 -19.71 20.79
N ALA B 312 2.08 -19.60 21.35
CA ALA B 312 1.89 -19.02 22.67
C ALA B 312 2.09 -20.02 23.80
N GLN B 313 2.28 -21.32 23.51
CA GLN B 313 2.36 -22.28 24.60
C GLN B 313 3.78 -22.40 25.15
N PRO B 314 3.92 -22.62 26.46
CA PRO B 314 5.24 -22.85 27.07
C PRO B 314 5.91 -24.11 26.52
PA NAP C . -7.19 17.09 7.97
O1A NAP C . -7.86 17.43 9.28
O2A NAP C . -6.13 16.03 8.15
O5B NAP C . -6.49 18.43 7.31
C5B NAP C . -7.17 19.66 7.39
C4B NAP C . -6.11 20.79 7.41
O4B NAP C . -6.66 21.94 7.12
C3B NAP C . -5.57 20.95 8.85
O3B NAP C . -4.34 21.48 8.83
C2B NAP C . -6.59 21.92 9.46
O2B NAP C . -5.96 22.65 10.61
C1B NAP C . -6.84 22.77 8.50
N9A NAP C . -8.21 23.24 8.56
C8A NAP C . -9.31 22.58 8.92
N7A NAP C . -10.35 23.41 8.79
C5A NAP C . -9.89 24.59 8.35
C6A NAP C . -10.52 25.78 8.07
N6A NAP C . -11.90 26.22 8.11
N1A NAP C . -9.82 26.81 7.64
C2A NAP C . -8.49 26.71 7.48
N3A NAP C . -7.86 25.54 7.77
C4A NAP C . -8.57 24.48 8.21
O3 NAP C . -8.34 16.55 6.93
PN NAP C . -8.00 15.85 5.49
O1N NAP C . -7.94 14.36 5.66
O2N NAP C . -6.69 16.42 4.98
O5D NAP C . -9.21 16.24 4.45
C5D NAP C . -9.39 17.57 4.07
C4D NAP C . -10.45 17.59 2.95
O4D NAP C . -10.18 16.65 2.08
C3D NAP C . -11.82 17.22 3.53
O3D NAP C . -12.77 17.91 2.86
C2D NAP C . -11.91 15.70 3.29
O2D NAP C . -13.33 15.24 3.35
C1D NAP C . -11.39 15.57 2.10
N1N NAP C . -10.83 14.28 1.79
C2N NAP C . -9.92 13.67 2.60
C3N NAP C . -9.40 12.44 2.23
C7N NAP C . -8.36 11.68 3.08
O7N NAP C . -8.00 12.11 4.12
N7N NAP C . -7.83 10.43 2.58
C4N NAP C . -9.78 11.86 1.06
C5N NAP C . -10.67 12.47 0.25
C6N NAP C . -11.18 13.69 0.62
P2B NAP C . -5.34 21.78 11.86
O1X NAP C . -3.92 21.39 11.52
O2X NAP C . -5.34 22.68 13.09
O3X NAP C . -6.17 20.55 12.14
C3' NHE D . -13.30 4.92 -9.41
C2' NHE D . -11.90 5.27 -9.89
C1' NHE D . -10.84 5.00 -8.81
C6' NHE D . -11.19 3.80 -7.94
N NHE D . -9.52 4.80 -9.44
C1 NHE D . -8.57 5.74 -8.88
C2 NHE D . -7.25 5.72 -9.66
S NHE D . -5.86 6.17 -8.58
O1 NHE D . -5.28 4.95 -7.89
O2 NHE D . -6.31 6.98 -7.39
O3 NHE D . -4.77 6.88 -9.35
C5' NHE D . -12.19 2.80 -8.55
C4' NHE D . -13.45 3.42 -9.16
C1 GOL E . -29.29 4.76 9.90
O1 GOL E . -30.42 3.96 9.70
C2 GOL E . -28.34 4.51 8.72
O2 GOL E . -27.56 3.38 8.91
C3 GOL E . -29.25 4.38 7.49
O3 GOL E . -28.41 4.12 6.40
C1 COI F . -12.31 10.32 3.18
O1 COI F . -12.97 11.32 3.60
O2 COI F . -11.36 9.85 3.87
C2 COI F . -12.62 9.71 1.81
O3 COI F . -13.74 9.75 1.38
C3 COI F . -11.46 9.06 1.06
C4 COI F . -11.80 7.87 0.17
C5 COI F . -11.36 8.14 -1.26
C6 COI F . -11.00 6.67 0.67
PA NAP G . 16.45 -17.67 8.46
O1A NAP G . 16.08 -17.47 9.90
O2A NAP G . 17.39 -18.84 8.28
O5B NAP G . 17.14 -16.31 7.87
C5B NAP G . 16.63 -15.05 8.21
C4B NAP G . 17.83 -14.10 8.37
O4B NAP G . 17.44 -12.85 8.49
C3B NAP G . 18.56 -14.43 9.67
O3B NAP G . 19.89 -14.55 9.47
C2B NAP G . 18.33 -13.20 10.56
O2B NAP G . 19.45 -13.15 11.53
C1B NAP G . 18.37 -12.26 9.66
N9A NAP G . 17.86 -10.99 10.12
C8A NAP G . 16.62 -10.66 10.47
N7A NAP G . 16.62 -9.37 10.83
C5A NAP G . 17.88 -8.91 10.70
C6A NAP G . 18.44 -7.67 10.93
N6A NAP G . 17.94 -6.39 11.40
N1A NAP G . 19.73 -7.47 10.72
C2A NAP G . 20.51 -8.49 10.28
N3A NAP G . 19.95 -9.71 10.05
C4A NAP G . 18.64 -9.91 10.26
O3 NAP G . 15.06 -17.97 7.61
PN NAP G . 14.96 -18.26 5.99
O1N NAP G . 14.67 -19.72 5.77
O2N NAP G . 16.25 -17.86 5.31
O5D NAP G . 13.72 -17.37 5.38
C5D NAP G . 13.93 -16.01 5.11
C4D NAP G . 12.85 -15.57 4.10
O4D NAP G . 12.90 -16.33 3.05
C3D NAP G . 11.45 -15.83 4.72
O3D NAP G . 10.62 -14.80 4.42
C2D NAP G . 10.97 -17.14 4.08
O2D NAP G . 9.48 -17.18 4.00
C1D NAP G . 11.48 -17.08 2.88
N1N NAP G . 11.73 -18.38 2.28
C2N NAP G . 12.48 -19.32 2.89
C3N NAP G . 12.70 -20.55 2.27
C7N NAP G . 13.55 -21.67 2.87
O7N NAP G . 14.19 -21.49 3.86
N7N NAP G . 13.58 -22.96 2.22
C4N NAP G . 12.14 -20.78 1.05
C5N NAP G . 11.37 -19.84 0.45
C6N NAP G . 11.17 -18.63 1.08
P2B NAP G . 19.65 -14.40 12.60
O1X NAP G . 19.92 -15.73 11.90
O2X NAP G . 20.84 -14.03 13.46
O3X NAP G . 18.44 -14.47 13.47
C1 COI H . 9.46 -22.52 2.60
O1 COI H . 9.02 -21.69 3.44
O2 COI H . 10.09 -23.52 3.01
C2 COI H . 9.21 -22.30 1.10
O3 COI H . 8.41 -21.52 0.73
C3 COI H . 10.01 -23.08 0.07
C4 COI H . 9.20 -24.26 -0.45
C5 COI H . 9.56 -24.50 -1.90
C6 COI H . 9.66 -25.46 0.33
#